data_2OLC
#
_entry.id   2OLC
#
_cell.length_a   215.200
_cell.length_b   83.600
_cell.length_c   51.600
_cell.angle_alpha   90.00
_cell.angle_beta   90.00
_cell.angle_gamma   90.00
#
_symmetry.space_group_name_H-M   'P 21 21 2'
#
loop_
_entity.id
_entity.type
_entity.pdbx_description
1 polymer 'Methylthioribose kinase'
2 non-polymer 'HOLMIUM ATOM'
3 non-polymer 3-[(3-CHOLAMIDOPROPYL)DIMETHYLAMMONIO]-1-PROPANESULFONATE
4 non-polymer "ADENOSINE-5'-DIPHOSPHATE"
5 water water
#
_entity_poly.entity_id   1
_entity_poly.type   'polypeptide(L)'
_entity_poly.pdbx_seq_one_letter_code
;MGVTKTPLYETLNESSAVALAVKLGLFPSKSTLTCQEIGDGNLNYVFHIYDQEHDRALIIKQAVPYAKVVGESWPLTIDR
ARIESSALIRQGEHVPHLVPRVFYSDTEMAVTVMEDLSHLKIARKGLIEGENYPHLSQHIGEFLGKTLFYSSDYALEPKV
KKQLVKQFTNPELCDITERLVFTDPFFDHDTNDFEEELRPFVEKLWNNDSVKIEAAKLKKSFLTSAETLIHGDLHTGSIF
ASEHETKVIDPEFAFYGPIGFDVGQFIANLFLNALSRDGADREPLYEHVNQVWETFEETFSEAWQKDSLDVYANIDGYLT
DTLSHIFEEAIGFAGCELIRRTIGLAHVADLDTIVPFDKRIGRKRLALETGTAFIEKRSEFKTITDVIELFKLLVKE
;
_entity_poly.pdbx_strand_id   A,B
#
loop_
_chem_comp.id
_chem_comp.type
_chem_comp.name
_chem_comp.formula
ADP non-polymer ADENOSINE-5'-DIPHOSPHATE 'C10 H15 N5 O10 P2'
CPS non-polymer 3-[(3-CHOLAMIDOPROPYL)DIMETHYLAMMONIO]-1-PROPANESULFONATE 'C32 H58 N2 O7 S'
HO non-polymer 'HOLMIUM ATOM' Ho
#
# COMPACT_ATOMS: atom_id res chain seq x y z
N LYS A 5 13.35 -33.35 -8.56
CA LYS A 5 14.37 -34.25 -7.93
C LYS A 5 14.57 -33.94 -6.43
N THR A 6 15.79 -34.15 -5.95
CA THR A 6 16.14 -33.98 -4.54
C THR A 6 16.35 -32.52 -4.16
N PRO A 7 16.30 -32.21 -2.85
CA PRO A 7 16.63 -30.88 -2.36
C PRO A 7 18.08 -30.54 -2.67
N LEU A 8 18.31 -29.34 -3.19
CA LEU A 8 19.64 -28.96 -3.67
C LEU A 8 20.47 -28.04 -2.76
N TYR A 9 19.87 -27.50 -1.70
CA TYR A 9 20.64 -26.66 -0.75
C TYR A 9 21.66 -27.45 0.07
N GLU A 10 22.90 -26.96 0.07
CA GLU A 10 23.96 -27.44 0.95
C GLU A 10 24.80 -26.28 1.45
N THR A 11 25.03 -26.24 2.76
CA THR A 11 25.89 -25.23 3.38
C THR A 11 27.29 -25.27 2.75
N LEU A 12 27.82 -24.11 2.37
CA LEU A 12 29.19 -24.04 1.82
C LEU A 12 30.25 -24.00 2.93
N ASN A 13 31.47 -24.39 2.59
CA ASN A 13 32.65 -24.12 3.41
C ASN A 13 33.70 -23.42 2.56
N GLU A 14 34.87 -23.12 3.13
CA GLU A 14 35.93 -22.44 2.39
C GLU A 14 36.37 -23.19 1.12
N SER A 15 36.36 -24.51 1.18
CA SER A 15 36.74 -25.34 0.02
C SER A 15 35.68 -25.32 -1.08
N SER A 16 34.45 -25.68 -0.74
CA SER A 16 33.36 -25.71 -1.72
C SER A 16 33.02 -24.33 -2.28
N ALA A 17 33.28 -23.27 -1.50
CA ALA A 17 33.17 -21.89 -1.97
C ALA A 17 34.19 -21.59 -3.07
N VAL A 18 35.44 -22.00 -2.86
CA VAL A 18 36.47 -21.91 -3.90
C VAL A 18 36.12 -22.75 -5.14
N ALA A 19 35.66 -23.99 -4.93
CA ALA A 19 35.24 -24.86 -6.03
C ALA A 19 34.14 -24.22 -6.88
N LEU A 20 33.17 -23.56 -6.24
CA LEU A 20 32.10 -22.87 -6.97
C LEU A 20 32.65 -21.71 -7.78
N ALA A 21 33.55 -20.93 -7.18
CA ALA A 21 34.13 -19.78 -7.88
C ALA A 21 34.85 -20.19 -9.16
N VAL A 22 35.60 -21.30 -9.10
CA VAL A 22 36.27 -21.85 -10.29
C VAL A 22 35.28 -22.46 -11.31
N LYS A 23 34.30 -23.22 -10.82
CA LYS A 23 33.24 -23.79 -11.68
C LYS A 23 32.51 -22.71 -12.46
N LEU A 24 32.41 -21.52 -11.86
CA LEU A 24 31.80 -20.36 -12.49
C LEU A 24 32.71 -19.68 -13.49
N GLY A 25 33.98 -20.10 -13.50
CA GLY A 25 34.98 -19.54 -14.40
C GLY A 25 35.48 -18.16 -14.00
N LEU A 26 35.34 -17.80 -12.73
CA LEU A 26 35.61 -16.44 -12.26
C LEU A 26 37.02 -16.19 -11.72
N THR A 32 45.05 -21.98 -6.87
CA THR A 32 45.87 -20.75 -6.62
C THR A 32 45.15 -19.73 -5.70
N LEU A 33 44.10 -20.19 -5.03
CA LEU A 33 43.21 -19.28 -4.30
C LEU A 33 43.22 -19.55 -2.79
N THR A 34 42.97 -18.50 -2.00
CA THR A 34 42.78 -18.62 -0.57
C THR A 34 41.40 -18.12 -0.19
N CYS A 35 40.77 -18.80 0.77
CA CYS A 35 39.43 -18.43 1.21
C CYS A 35 39.34 -18.28 2.73
N GLN A 36 38.73 -17.18 3.18
CA GLN A 36 38.38 -16.97 4.57
C GLN A 36 36.90 -16.53 4.68
N GLU A 37 36.17 -17.15 5.60
CA GLU A 37 34.81 -16.72 5.93
C GLU A 37 34.89 -15.55 6.90
N ILE A 38 34.31 -14.41 6.52
CA ILE A 38 34.50 -13.14 7.20
C ILE A 38 33.19 -12.48 7.67
N GLY A 39 32.08 -13.22 7.60
CA GLY A 39 30.78 -12.71 8.03
C GLY A 39 30.71 -12.34 9.50
N ASP A 40 29.89 -11.34 9.80
CA ASP A 40 29.74 -10.83 11.16
C ASP A 40 28.40 -11.20 11.81
N GLY A 41 27.50 -11.79 11.04
CA GLY A 41 26.22 -12.29 11.57
C GLY A 41 26.24 -13.81 11.68
N ASN A 42 25.21 -14.41 12.30
CA ASN A 42 25.13 -15.88 12.30
C ASN A 42 24.09 -16.47 11.33
N LEU A 43 23.48 -15.62 10.49
CA LEU A 43 22.48 -16.07 9.52
C LEU A 43 23.00 -16.10 8.07
N ASN A 44 24.22 -15.61 7.87
CA ASN A 44 24.87 -15.67 6.56
C ASN A 44 26.33 -16.00 6.71
N TYR A 45 26.88 -16.74 5.75
CA TYR A 45 28.32 -16.83 5.61
C TYR A 45 28.72 -15.87 4.52
N VAL A 46 29.87 -15.25 4.69
CA VAL A 46 30.45 -14.41 3.67
C VAL A 46 31.87 -14.91 3.43
N PHE A 47 32.09 -15.49 2.26
CA PHE A 47 33.38 -16.05 1.86
C PHE A 47 34.18 -15.10 0.99
N HIS A 48 35.36 -14.73 1.46
CA HIS A 48 36.29 -13.91 0.70
C HIS A 48 37.31 -14.80 0.01
N ILE A 49 37.44 -14.65 -1.32
CA ILE A 49 38.31 -15.49 -2.13
C ILE A 49 39.31 -14.62 -2.89
N TYR A 50 40.59 -14.92 -2.76
CA TYR A 50 41.65 -14.04 -3.25
C TYR A 50 42.67 -14.73 -4.17
N ASP A 51 43.02 -14.02 -5.25
CA ASP A 51 44.05 -14.38 -6.25
C ASP A 51 43.67 -15.51 -7.20
N ARG A 56 43.13 -9.96 -7.92
CA ARG A 56 41.69 -10.16 -8.09
C ARG A 56 41.09 -10.94 -6.92
N ALA A 57 39.91 -10.49 -6.49
CA ALA A 57 39.19 -11.11 -5.38
C ALA A 57 37.68 -11.21 -5.66
N LEU A 58 36.98 -11.95 -4.79
CA LEU A 58 35.57 -12.25 -4.99
C LEU A 58 34.90 -12.49 -3.64
N ILE A 59 33.60 -12.19 -3.56
CA ILE A 59 32.82 -12.47 -2.37
C ILE A 59 31.67 -13.41 -2.72
N ILE A 60 31.50 -14.44 -1.90
CA ILE A 60 30.35 -15.34 -1.99
C ILE A 60 29.59 -15.30 -0.67
N LYS A 61 28.35 -14.80 -0.73
CA LYS A 61 27.49 -14.78 0.45
C LYS A 61 26.50 -15.93 0.32
N GLN A 62 26.22 -16.61 1.44
CA GLN A 62 25.21 -17.67 1.49
C GLN A 62 24.36 -17.56 2.75
N ALA A 63 23.05 -17.66 2.59
CA ALA A 63 22.14 -17.70 3.73
C ALA A 63 22.21 -19.07 4.42
N VAL A 64 22.18 -19.04 5.75
CA VAL A 64 22.18 -20.24 6.58
C VAL A 64 20.76 -20.44 7.11
N PRO A 65 20.22 -21.68 7.04
CA PRO A 65 18.88 -21.91 7.58
C PRO A 65 18.80 -21.81 9.10
N TYR A 66 19.92 -22.12 9.75
CA TYR A 66 20.00 -22.28 11.21
C TYR A 66 19.38 -23.62 11.66
N TRP A 74 16.49 -16.20 16.05
CA TRP A 74 15.45 -15.84 15.03
C TRP A 74 15.64 -16.73 13.79
N PRO A 75 14.85 -17.83 13.66
CA PRO A 75 15.00 -18.73 12.49
C PRO A 75 14.45 -18.01 11.26
N LEU A 76 15.16 -18.07 10.13
CA LEU A 76 14.77 -17.34 8.93
C LEU A 76 15.05 -18.13 7.66
N THR A 77 14.04 -18.26 6.80
CA THR A 77 14.23 -19.03 5.58
C THR A 77 15.34 -18.46 4.73
N ILE A 78 15.84 -19.31 3.84
CA ILE A 78 16.94 -18.94 2.95
C ILE A 78 16.44 -18.15 1.75
N ASP A 79 15.13 -17.91 1.72
CA ASP A 79 14.45 -17.17 0.65
C ASP A 79 14.97 -15.74 0.52
N ARG A 80 15.46 -15.18 1.63
CA ARG A 80 15.99 -13.84 1.66
C ARG A 80 17.16 -13.63 0.69
N ALA A 81 17.89 -14.71 0.38
CA ALA A 81 19.00 -14.66 -0.57
C ALA A 81 18.51 -14.35 -1.99
N ARG A 82 17.35 -14.90 -2.34
CA ARG A 82 16.64 -14.61 -3.58
C ARG A 82 16.27 -13.11 -3.67
N ILE A 83 15.69 -12.59 -2.60
CA ILE A 83 15.38 -11.15 -2.48
C ILE A 83 16.63 -10.29 -2.62
N GLU A 84 17.67 -10.62 -1.85
CA GLU A 84 18.90 -9.83 -1.80
C GLU A 84 19.60 -9.76 -3.16
N SER A 85 19.78 -10.93 -3.80
CA SER A 85 20.36 -10.98 -5.15
C SER A 85 19.58 -10.10 -6.12
N SER A 86 18.26 -10.28 -6.15
CA SER A 86 17.43 -9.55 -7.10
C SER A 86 17.33 -8.07 -6.77
N ALA A 87 17.35 -7.74 -5.47
CA ALA A 87 17.39 -6.34 -5.02
C ALA A 87 18.70 -5.65 -5.43
N LEU A 88 19.83 -6.33 -5.24
CA LEU A 88 21.14 -5.81 -5.65
C LEU A 88 21.24 -5.54 -7.14
N ILE A 89 20.73 -6.47 -7.94
CA ILE A 89 20.73 -6.35 -9.40
C ILE A 89 19.88 -5.18 -9.87
N ARG A 90 18.69 -5.04 -9.27
CA ARG A 90 17.79 -3.93 -9.55
C ARG A 90 18.35 -2.57 -9.18
N GLN A 91 19.03 -2.50 -8.03
CA GLN A 91 19.69 -1.28 -7.60
C GLN A 91 20.80 -0.94 -8.58
N GLY A 92 21.56 -1.95 -8.98
CA GLY A 92 22.63 -1.79 -9.97
C GLY A 92 22.26 -1.26 -11.35
N GLU A 93 20.99 -1.43 -11.74
CA GLU A 93 20.55 -0.91 -13.05
C GLU A 93 20.55 0.62 -13.11
N HIS A 94 20.39 1.26 -11.95
CA HIS A 94 20.24 2.71 -11.89
C HIS A 94 21.40 3.41 -11.21
N VAL A 95 21.94 2.76 -10.17
CA VAL A 95 23.13 3.22 -9.48
C VAL A 95 24.22 2.11 -9.38
N PRO A 96 24.79 1.66 -10.54
CA PRO A 96 25.79 0.59 -10.50
C PRO A 96 27.06 0.93 -9.73
N HIS A 97 27.36 2.22 -9.63
CA HIS A 97 28.54 2.69 -8.91
C HIS A 97 28.36 2.74 -7.39
N LEU A 98 27.14 2.49 -6.92
CA LEU A 98 26.82 2.61 -5.50
C LEU A 98 26.40 1.29 -4.83
N VAL A 99 26.56 0.19 -5.56
CA VAL A 99 26.22 -1.14 -5.08
C VAL A 99 27.28 -2.10 -5.63
N PRO A 100 27.53 -3.22 -4.92
CA PRO A 100 28.46 -4.20 -5.47
C PRO A 100 27.88 -4.88 -6.70
N ARG A 101 28.71 -5.07 -7.72
CA ARG A 101 28.36 -5.87 -8.89
C ARG A 101 28.08 -7.30 -8.50
N VAL A 102 27.06 -7.89 -9.13
CA VAL A 102 26.69 -9.29 -8.89
C VAL A 102 27.13 -10.09 -10.11
N PHE A 103 27.87 -11.17 -9.88
CA PHE A 103 28.37 -11.98 -11.00
C PHE A 103 27.55 -13.23 -11.23
N TYR A 104 26.89 -13.69 -10.17
CA TYR A 104 26.16 -14.94 -10.22
C TYR A 104 25.27 -14.98 -9.00
N SER A 105 24.08 -15.57 -9.17
CA SER A 105 23.24 -15.87 -8.03
C SER A 105 22.48 -17.17 -8.26
N ASP A 106 22.08 -17.80 -7.16
CA ASP A 106 21.31 -19.02 -7.22
C ASP A 106 20.39 -19.14 -6.03
N THR A 107 19.08 -19.21 -6.26
CA THR A 107 18.12 -19.23 -5.16
C THR A 107 18.15 -20.55 -4.38
N GLU A 108 18.26 -21.68 -5.08
CA GLU A 108 18.34 -23.01 -4.45
C GLU A 108 19.51 -23.15 -3.44
N MET A 109 20.70 -22.75 -3.83
CA MET A 109 21.84 -22.76 -2.94
C MET A 109 21.86 -21.53 -2.00
N ALA A 110 21.00 -20.56 -2.29
CA ALA A 110 20.91 -19.31 -1.51
C ALA A 110 22.22 -18.50 -1.53
N VAL A 111 22.81 -18.38 -2.72
CA VAL A 111 24.12 -17.72 -2.88
C VAL A 111 24.07 -16.46 -3.76
N THR A 112 24.82 -15.46 -3.37
CA THR A 112 25.08 -14.30 -4.21
C THR A 112 26.59 -14.17 -4.31
N VAL A 113 27.10 -14.21 -5.55
CA VAL A 113 28.52 -14.00 -5.81
C VAL A 113 28.66 -12.56 -6.31
N MET A 114 29.46 -11.79 -5.59
CA MET A 114 29.53 -10.35 -5.81
C MET A 114 30.93 -9.75 -5.73
N GLU A 115 31.03 -8.49 -6.13
CA GLU A 115 32.25 -7.70 -6.07
C GLU A 115 32.82 -7.62 -4.66
N ASP A 116 34.14 -7.83 -4.57
CA ASP A 116 34.86 -7.63 -3.31
C ASP A 116 34.99 -6.13 -3.01
N LEU A 117 34.63 -5.74 -1.79
CA LEU A 117 34.80 -4.34 -1.38
C LEU A 117 35.59 -4.22 -0.08
N SER A 118 36.54 -5.13 0.10
CA SER A 118 37.37 -5.17 1.32
C SER A 118 38.33 -3.99 1.48
N HIS A 119 38.52 -3.21 0.41
CA HIS A 119 39.32 -1.98 0.48
C HIS A 119 38.52 -0.82 1.09
N LEU A 120 37.27 -1.09 1.44
CA LEU A 120 36.39 -0.11 2.07
C LEU A 120 36.10 -0.50 3.51
N LYS A 121 35.57 0.44 4.29
CA LYS A 121 35.26 0.21 5.70
C LYS A 121 33.76 0.39 5.90
N ILE A 122 33.17 -0.44 6.77
CA ILE A 122 31.77 -0.25 7.14
C ILE A 122 31.62 1.15 7.72
N ALA A 123 30.63 1.90 7.23
CA ALA A 123 30.49 3.32 7.56
C ALA A 123 30.31 3.60 9.06
N ARG A 124 29.56 2.75 9.77
CA ARG A 124 29.35 2.91 11.21
C ARG A 124 30.69 2.84 11.96
N LYS A 125 31.49 1.83 11.62
CA LYS A 125 32.80 1.65 12.20
C LYS A 125 33.68 2.86 11.94
N GLY A 126 33.79 3.27 10.69
CA GLY A 126 34.56 4.45 10.32
C GLY A 126 34.13 5.74 11.00
N LEU A 127 32.81 5.93 11.11
CA LEU A 127 32.25 7.12 11.77
C LEU A 127 32.58 7.19 13.26
N ILE A 128 32.50 6.05 13.94
CA ILE A 128 32.86 5.93 15.36
C ILE A 128 34.36 6.15 15.61
N GLU A 129 35.18 5.76 14.63
CA GLU A 129 36.62 6.01 14.64
C GLU A 129 36.95 7.49 14.33
N GLY A 130 35.95 8.25 13.91
CA GLY A 130 36.13 9.66 13.62
C GLY A 130 36.38 10.03 12.17
N GLU A 131 36.24 9.07 11.26
CA GLU A 131 36.17 9.37 9.82
C GLU A 131 34.94 10.22 9.53
N ASN A 132 35.09 11.18 8.63
CA ASN A 132 33.97 12.08 8.30
C ASN A 132 33.26 11.80 6.96
N TYR A 133 33.96 11.08 6.07
CA TYR A 133 33.43 10.65 4.76
C TYR A 133 32.69 11.77 4.00
N PRO A 134 33.45 12.69 3.38
CA PRO A 134 32.88 13.95 2.87
C PRO A 134 31.73 13.77 1.87
N HIS A 135 31.78 12.68 1.10
CA HIS A 135 30.82 12.43 0.03
C HIS A 135 29.71 11.46 0.40
N LEU A 136 29.71 10.96 1.63
CA LEU A 136 28.76 9.92 2.05
C LEU A 136 27.32 10.30 1.76
N SER A 137 26.95 11.52 2.12
CA SER A 137 25.56 11.98 1.98
C SER A 137 25.22 12.28 0.53
N GLN A 138 26.16 12.85 -0.22
CA GLN A 138 26.01 13.03 -1.66
C GLN A 138 25.69 11.68 -2.34
N HIS A 139 26.47 10.63 -2.02
CA HIS A 139 26.30 9.31 -2.63
C HIS A 139 25.03 8.59 -2.16
N ILE A 140 24.77 8.63 -0.85
CA ILE A 140 23.55 7.98 -0.34
C ILE A 140 22.29 8.72 -0.79
N GLY A 141 22.37 10.04 -0.98
CA GLY A 141 21.22 10.81 -1.44
C GLY A 141 20.81 10.36 -2.83
N GLU A 142 21.80 10.21 -3.72
CA GLU A 142 21.57 9.70 -5.08
C GLU A 142 21.05 8.26 -5.10
N PHE A 143 21.70 7.36 -4.36
CA PHE A 143 21.14 6.02 -4.17
C PHE A 143 19.67 6.10 -3.78
N LEU A 144 19.35 6.93 -2.80
CA LEU A 144 17.97 7.02 -2.32
C LEU A 144 17.03 7.54 -3.41
N GLY A 145 17.39 8.63 -4.07
CA GLY A 145 16.47 9.25 -5.01
C GLY A 145 16.20 8.37 -6.22
N LYS A 146 17.25 7.72 -6.72
CA LYS A 146 17.15 6.91 -7.94
C LYS A 146 16.54 5.55 -7.64
N THR A 147 16.98 4.87 -6.59
CA THR A 147 16.38 3.57 -6.31
C THR A 147 14.87 3.72 -6.01
N LEU A 148 14.53 4.66 -5.12
CA LEU A 148 13.17 4.84 -4.67
C LEU A 148 12.22 5.34 -5.78
N PHE A 149 12.72 6.23 -6.63
CA PHE A 149 11.94 6.61 -7.80
C PHE A 149 11.70 5.51 -8.84
N TYR A 150 12.77 4.86 -9.33
CA TYR A 150 12.66 4.05 -10.54
C TYR A 150 11.94 2.72 -10.35
N SER A 151 11.61 2.41 -9.12
CA SER A 151 10.82 1.20 -8.82
C SER A 151 9.37 1.52 -8.36
N SER A 152 8.99 2.80 -8.46
CA SER A 152 7.66 3.28 -8.06
C SER A 152 6.65 3.31 -9.20
N ASP A 153 5.37 3.51 -8.87
CA ASP A 153 4.33 3.72 -9.90
C ASP A 153 4.58 4.98 -10.72
N TYR A 154 5.38 5.90 -10.20
CA TYR A 154 5.75 7.12 -10.96
C TYR A 154 6.64 6.77 -12.16
N ALA A 155 7.44 5.71 -11.99
CA ALA A 155 8.43 5.32 -12.99
C ALA A 155 8.00 4.14 -13.86
N LEU A 156 7.16 3.27 -13.29
CA LEU A 156 6.83 2.02 -13.94
C LEU A 156 5.38 1.93 -14.35
N GLU A 157 5.11 1.19 -15.43
CA GLU A 157 3.74 0.86 -15.80
C GLU A 157 3.18 0.07 -14.62
N PRO A 158 1.94 0.38 -14.19
CA PRO A 158 1.37 -0.21 -12.97
C PRO A 158 1.26 -1.73 -12.96
N LYS A 159 1.04 -2.33 -14.13
CA LYS A 159 0.98 -3.79 -14.23
C LYS A 159 2.35 -4.40 -14.00
N VAL A 160 3.40 -3.71 -14.43
CA VAL A 160 4.79 -4.14 -14.21
C VAL A 160 5.14 -4.01 -12.72
N LYS A 161 4.85 -2.84 -12.16
CA LYS A 161 5.08 -2.58 -10.74
C LYS A 161 4.38 -3.63 -9.86
N LYS A 162 3.13 -3.97 -10.20
CA LYS A 162 2.36 -4.91 -9.38
C LYS A 162 2.95 -6.33 -9.34
N GLN A 163 3.65 -6.73 -10.39
CA GLN A 163 4.33 -8.04 -10.41
C GLN A 163 5.61 -7.98 -9.57
N LEU A 164 6.31 -6.85 -9.61
CA LEU A 164 7.48 -6.62 -8.76
C LEU A 164 7.13 -6.64 -7.26
N VAL A 165 5.93 -6.17 -6.91
CA VAL A 165 5.38 -6.29 -5.54
C VAL A 165 5.28 -7.76 -5.09
N LYS A 166 4.76 -8.62 -5.97
CA LYS A 166 4.64 -10.06 -5.66
C LYS A 166 6.01 -10.66 -5.45
N GLN A 167 6.91 -10.34 -6.38
CA GLN A 167 8.26 -10.87 -6.44
C GLN A 167 9.13 -10.46 -5.23
N PHE A 168 8.90 -9.27 -4.70
CA PHE A 168 9.65 -8.79 -3.53
C PHE A 168 8.87 -8.82 -2.23
N THR A 169 7.72 -9.47 -2.21
CA THR A 169 7.02 -9.75 -0.97
C THR A 169 7.99 -10.47 -0.03
N ASN A 170 8.15 -9.94 1.17
CA ASN A 170 9.19 -10.35 2.11
C ASN A 170 8.64 -10.51 3.53
N PRO A 171 7.72 -11.46 3.74
CA PRO A 171 6.97 -11.58 5.00
C PRO A 171 7.79 -11.68 6.28
N GLU A 172 8.86 -12.48 6.23
CA GLU A 172 9.66 -12.79 7.42
C GLU A 172 10.54 -11.63 7.85
N LEU A 173 11.20 -10.97 6.89
CA LEU A 173 12.06 -9.83 7.23
C LEU A 173 11.22 -8.64 7.64
N CYS A 174 10.07 -8.46 6.99
CA CYS A 174 9.12 -7.41 7.34
C CYS A 174 8.60 -7.61 8.74
N ASP A 175 8.34 -8.86 9.10
CA ASP A 175 7.94 -9.20 10.47
C ASP A 175 8.96 -8.72 11.51
N ILE A 176 10.25 -8.89 11.23
CA ILE A 176 11.28 -8.35 12.11
C ILE A 176 11.10 -6.84 12.29
N THR A 177 11.02 -6.13 11.17
CA THR A 177 10.90 -4.70 11.22
C THR A 177 9.63 -4.21 11.90
N GLU A 178 8.48 -4.79 11.56
CA GLU A 178 7.18 -4.40 12.13
C GLU A 178 7.18 -4.54 13.65
N ARG A 179 7.88 -5.56 14.12
CA ARG A 179 8.06 -5.81 15.55
C ARG A 179 9.07 -4.86 16.19
N LEU A 180 10.29 -4.85 15.66
CA LEU A 180 11.42 -4.17 16.27
C LEU A 180 11.39 -2.66 16.08
N VAL A 181 11.05 -2.20 14.90
CA VAL A 181 11.04 -0.76 14.65
C VAL A 181 9.76 -0.10 15.17
N PHE A 182 8.62 -0.78 14.99
CA PHE A 182 7.31 -0.14 15.12
C PHE A 182 6.45 -0.51 16.34
N THR A 183 6.80 -1.58 17.05
CA THR A 183 5.90 -2.11 18.08
C THR A 183 6.58 -2.24 19.42
N ASP A 184 7.64 -3.05 19.46
CA ASP A 184 8.18 -3.54 20.74
C ASP A 184 8.71 -2.44 21.65
N PRO A 185 9.50 -1.47 21.12
CA PRO A 185 10.03 -0.42 22.00
C PRO A 185 8.96 0.41 22.70
N PHE A 186 7.74 0.39 22.16
CA PHE A 186 6.66 1.25 22.65
C PHE A 186 5.78 0.61 23.71
N PHE A 187 6.09 -0.63 24.09
CA PHE A 187 5.39 -1.33 25.16
C PHE A 187 6.39 -2.10 26.00
N ASP A 188 5.94 -2.62 27.13
CA ASP A 188 6.78 -3.49 27.91
C ASP A 188 6.81 -4.88 27.28
N HIS A 189 7.53 -5.00 26.17
CA HIS A 189 7.70 -6.29 25.49
C HIS A 189 9.05 -6.93 25.77
N ASP A 190 9.07 -8.27 25.69
CA ASP A 190 10.23 -9.05 26.13
C ASP A 190 11.49 -8.83 25.30
N THR A 191 11.34 -8.38 24.05
CA THR A 191 12.49 -8.18 23.19
C THR A 191 13.32 -6.95 23.54
N ASN A 192 12.72 -5.99 24.26
CA ASN A 192 13.42 -4.76 24.62
C ASN A 192 14.68 -5.04 25.44
N ASP A 193 15.61 -4.09 25.43
CA ASP A 193 16.89 -4.27 26.09
C ASP A 193 17.46 -2.90 26.42
N PHE A 194 17.31 -2.49 27.68
CA PHE A 194 17.77 -1.18 28.12
C PHE A 194 18.26 -1.21 29.55
N GLU A 195 19.20 -0.34 29.88
CA GLU A 195 19.69 -0.19 31.24
C GLU A 195 18.56 0.25 32.15
N GLU A 196 18.57 -0.24 33.38
CA GLU A 196 17.53 0.05 34.38
C GLU A 196 17.47 1.54 34.74
N GLU A 197 18.54 2.26 34.44
CA GLU A 197 18.65 3.70 34.68
C GLU A 197 17.83 4.51 33.69
N LEU A 198 17.48 3.89 32.57
CA LEU A 198 16.65 4.51 31.55
C LEU A 198 15.16 4.37 31.84
N ARG A 199 14.81 3.44 32.73
CA ARG A 199 13.40 3.08 32.97
C ARG A 199 12.42 4.24 33.21
N PRO A 200 12.78 5.23 34.07
CA PRO A 200 11.87 6.38 34.19
C PRO A 200 11.48 7.00 32.85
N PHE A 201 12.45 7.09 31.92
CA PHE A 201 12.25 7.74 30.64
C PHE A 201 11.55 6.79 29.65
N VAL A 202 11.89 5.51 29.77
CA VAL A 202 11.28 4.45 28.94
C VAL A 202 9.78 4.36 29.24
N GLU A 203 9.44 4.30 30.53
CA GLU A 203 8.05 4.26 31.00
C GLU A 203 7.27 5.52 30.67
N LYS A 204 7.98 6.65 30.52
CA LYS A 204 7.37 7.88 30.05
C LYS A 204 6.85 7.69 28.63
N LEU A 205 7.66 7.07 27.78
CA LEU A 205 7.28 6.73 26.39
C LEU A 205 6.06 5.81 26.36
N TRP A 206 6.14 4.72 27.12
CA TRP A 206 5.06 3.74 27.18
C TRP A 206 3.72 4.35 27.57
N ASN A 207 3.76 5.40 28.39
CA ASN A 207 2.52 6.01 28.91
C ASN A 207 2.01 7.15 28.00
N ASN A 208 2.79 7.45 26.98
CA ASN A 208 2.48 8.52 26.05
C ASN A 208 1.54 8.00 24.95
N ASP A 209 0.23 8.17 25.17
CA ASP A 209 -0.80 7.74 24.20
C ASP A 209 -0.64 8.39 22.83
N SER A 210 -0.40 9.70 22.79
CA SER A 210 -0.42 10.44 21.53
C SER A 210 0.76 10.13 20.61
N VAL A 211 1.93 9.84 21.19
CA VAL A 211 3.07 9.42 20.38
C VAL A 211 2.88 7.98 19.90
N LYS A 212 2.23 7.16 20.71
CA LYS A 212 2.01 5.76 20.33
C LYS A 212 1.00 5.63 19.20
N ILE A 213 -0.04 6.47 19.24
CA ILE A 213 -1.00 6.60 18.15
C ILE A 213 -0.28 6.95 16.85
N GLU A 214 0.76 7.80 16.93
CA GLU A 214 1.52 8.21 15.73
C GLU A 214 2.46 7.10 15.26
N ALA A 215 3.06 6.39 16.21
CA ALA A 215 3.87 5.22 15.88
C ALA A 215 3.01 4.15 15.20
N ALA A 216 1.76 3.99 15.66
CA ALA A 216 0.79 3.07 15.08
C ALA A 216 0.47 3.39 13.61
N LYS A 217 0.33 4.68 13.28
CA LYS A 217 0.06 5.14 11.92
C LYS A 217 1.25 4.98 10.98
N LEU A 218 2.43 5.20 11.54
CA LEU A 218 3.69 5.01 10.83
C LEU A 218 3.88 3.53 10.50
N LYS A 219 3.50 2.67 11.43
CA LYS A 219 3.49 1.23 11.25
C LYS A 219 2.48 0.82 10.17
N LYS A 220 1.23 1.29 10.29
CA LYS A 220 0.20 1.08 9.28
C LYS A 220 0.72 1.44 7.89
N SER A 221 1.50 2.51 7.80
CA SER A 221 2.08 2.88 6.52
C SER A 221 3.14 1.83 6.12
N PHE A 222 3.92 1.35 7.10
CA PHE A 222 4.89 0.30 6.79
C PHE A 222 4.18 -0.98 6.28
N LEU A 223 3.07 -1.34 6.93
CA LEU A 223 2.27 -2.50 6.56
C LEU A 223 1.62 -2.42 5.19
N THR A 224 1.24 -1.21 4.75
CA THR A 224 0.25 -1.10 3.70
C THR A 224 0.69 -0.25 2.50
N SER A 225 1.65 0.65 2.67
CA SER A 225 2.01 1.55 1.55
C SER A 225 3.06 0.95 0.65
N ALA A 226 2.63 0.31 -0.45
CA ALA A 226 3.51 -0.34 -1.41
C ALA A 226 3.88 0.63 -2.53
N GLU A 227 4.76 1.57 -2.23
CA GLU A 227 5.05 2.71 -3.13
C GLU A 227 6.23 2.42 -4.01
N THR A 228 7.22 1.71 -3.46
CA THR A 228 8.44 1.42 -4.18
C THR A 228 9.20 0.28 -3.54
N LEU A 229 10.23 -0.19 -4.24
CA LEU A 229 11.11 -1.21 -3.72
C LEU A 229 12.15 -0.52 -2.90
N ILE A 230 12.07 -0.76 -1.59
CA ILE A 230 12.99 -0.14 -0.67
C ILE A 230 14.03 -1.16 -0.21
N HIS A 231 15.07 -0.66 0.45
CA HIS A 231 16.20 -1.45 0.91
C HIS A 231 15.81 -2.13 2.22
N GLY A 232 15.06 -1.42 3.06
CA GLY A 232 14.47 -2.01 4.26
C GLY A 232 15.31 -2.05 5.51
N ASP A 233 16.60 -1.77 5.38
CA ASP A 233 17.53 -1.79 6.52
C ASP A 233 18.78 -0.96 6.22
N LEU A 234 18.55 0.25 5.72
CA LEU A 234 19.62 1.12 5.30
C LEU A 234 20.15 1.95 6.47
N HIS A 235 21.02 1.33 7.23
CA HIS A 235 21.71 2.05 8.30
C HIS A 235 23.19 2.08 7.95
N THR A 236 23.98 2.71 8.81
CA THR A 236 25.41 2.91 8.58
C THR A 236 26.23 1.62 8.64
N GLY A 237 25.67 0.57 9.23
CA GLY A 237 26.30 -0.74 9.23
C GLY A 237 26.02 -1.55 7.97
N SER A 238 25.18 -1.00 7.11
CA SER A 238 24.82 -1.61 5.85
C SER A 238 25.46 -0.86 4.68
N ILE A 239 26.49 -0.06 4.97
CA ILE A 239 27.16 0.76 3.96
C ILE A 239 28.68 0.64 4.09
N PHE A 240 29.35 0.46 2.96
CA PHE A 240 30.81 0.52 2.86
C PHE A 240 31.20 1.93 2.43
N ALA A 241 32.28 2.46 3.01
CA ALA A 241 32.72 3.81 2.71
C ALA A 241 34.24 3.99 2.77
N SER A 242 34.75 4.90 1.94
CA SER A 242 36.10 5.44 2.08
C SER A 242 35.98 6.92 1.75
N GLU A 243 37.11 7.62 1.67
CA GLU A 243 37.05 9.04 1.37
C GLU A 243 36.27 9.36 0.09
N HIS A 244 36.42 8.52 -0.93
CA HIS A 244 35.95 8.83 -2.28
C HIS A 244 34.84 7.91 -2.78
N GLU A 245 34.54 6.86 -2.04
CA GLU A 245 33.64 5.80 -2.51
C GLU A 245 32.61 5.44 -1.46
N THR A 246 31.41 5.11 -1.91
CA THR A 246 30.32 4.60 -1.06
C THR A 246 29.62 3.45 -1.80
N LYS A 247 29.29 2.39 -1.05
CA LYS A 247 28.61 1.22 -1.60
C LYS A 247 27.58 0.73 -0.59
N VAL A 248 26.35 0.50 -1.04
CA VAL A 248 25.28 -0.01 -0.16
C VAL A 248 25.17 -1.52 -0.30
N ILE A 249 25.05 -2.22 0.83
CA ILE A 249 25.02 -3.68 0.81
C ILE A 249 23.86 -4.25 1.63
N ASP A 250 23.69 -5.57 1.53
CA ASP A 250 22.80 -6.30 2.42
C ASP A 250 21.34 -5.84 2.37
N PRO A 251 20.76 -5.74 1.14
CA PRO A 251 19.34 -5.41 0.98
C PRO A 251 18.39 -6.60 1.22
N GLU A 252 18.64 -7.39 2.27
CA GLU A 252 17.83 -8.56 2.55
C GLU A 252 16.40 -8.22 2.97
N PHE A 253 16.21 -7.01 3.53
CA PHE A 253 14.90 -6.56 4.00
C PHE A 253 14.06 -5.92 2.89
N ALA A 254 14.57 -5.98 1.66
CA ALA A 254 13.91 -5.33 0.53
C ALA A 254 12.47 -5.82 0.34
N PHE A 255 11.55 -4.89 0.14
CA PHE A 255 10.16 -5.18 -0.23
C PHE A 255 9.52 -3.88 -0.77
N TYR A 256 8.28 -3.97 -1.25
CA TYR A 256 7.52 -2.78 -1.66
C TYR A 256 6.89 -2.08 -0.47
N GLY A 257 7.48 -0.93 -0.10
CA GLY A 257 7.12 -0.21 1.13
C GLY A 257 7.17 1.28 0.94
N PRO A 258 7.04 2.07 2.05
CA PRO A 258 7.00 3.53 1.94
C PRO A 258 8.31 4.20 1.52
N ILE A 259 8.21 5.13 0.57
CA ILE A 259 9.39 5.82 0.08
C ILE A 259 10.21 6.45 1.20
N GLY A 260 9.56 7.05 2.20
CA GLY A 260 10.33 7.74 3.26
C GLY A 260 11.11 6.84 4.20
N PHE A 261 10.93 5.53 4.10
CA PHE A 261 11.49 4.64 5.12
C PHE A 261 13.02 4.56 5.10
N ASP A 262 13.60 4.30 3.92
CA ASP A 262 15.05 4.23 3.79
C ASP A 262 15.67 5.57 4.15
N VAL A 263 15.04 6.65 3.67
CA VAL A 263 15.52 8.00 3.94
C VAL A 263 15.59 8.26 5.46
N GLY A 264 14.54 7.90 6.19
CA GLY A 264 14.45 8.10 7.63
C GLY A 264 15.36 7.23 8.47
N GLN A 265 15.48 5.95 8.12
CA GLN A 265 16.43 5.08 8.82
C GLN A 265 17.86 5.58 8.67
N PHE A 266 18.20 5.98 7.45
CA PHE A 266 19.54 6.49 7.23
C PHE A 266 19.79 7.74 8.05
N ILE A 267 18.83 8.67 8.04
CA ILE A 267 18.94 9.91 8.78
C ILE A 267 19.08 9.69 10.27
N ALA A 268 18.24 8.84 10.83
CA ALA A 268 18.32 8.52 12.26
C ALA A 268 19.72 8.02 12.64
N ASN A 269 20.34 7.20 11.79
CA ASN A 269 21.69 6.67 12.08
C ASN A 269 22.83 7.69 12.01
N LEU A 270 22.61 8.77 11.27
CA LEU A 270 23.53 9.90 11.26
C LEU A 270 23.37 10.69 12.55
N PHE A 271 22.13 10.82 13.03
CA PHE A 271 21.85 11.48 14.30
C PHE A 271 22.31 10.63 15.49
N LEU A 272 22.22 9.31 15.34
CA LEU A 272 22.77 8.39 16.35
C LEU A 272 24.27 8.55 16.53
N ASN A 273 25.01 8.67 15.43
CA ASN A 273 26.42 8.98 15.49
C ASN A 273 26.73 10.37 16.07
N ALA A 274 25.94 11.38 15.71
CA ALA A 274 26.08 12.70 16.30
C ALA A 274 25.97 12.64 17.82
N LEU A 275 24.98 11.91 18.33
CA LEU A 275 24.79 11.75 19.77
C LEU A 275 25.96 11.04 20.48
N SER A 276 26.70 10.24 19.73
CA SER A 276 27.87 9.53 20.27
C SER A 276 29.11 10.43 20.33
N ARG A 277 29.02 11.59 19.66
CA ARG A 277 30.12 12.53 19.57
C ARG A 277 29.86 13.71 20.51
N ASP A 278 30.84 14.61 20.61
CA ASP A 278 30.73 15.80 21.44
C ASP A 278 31.00 17.05 20.63
N GLY A 279 30.27 18.13 20.94
CA GLY A 279 30.63 19.47 20.51
C GLY A 279 30.76 19.64 19.01
N ALA A 280 31.90 20.17 18.60
CA ALA A 280 32.19 20.52 17.21
C ALA A 280 32.40 19.31 16.29
N ASP A 281 32.62 18.15 16.91
CA ASP A 281 32.74 16.89 16.16
C ASP A 281 31.42 16.44 15.54
N ARG A 282 30.31 16.98 16.04
CA ARG A 282 28.97 16.62 15.56
C ARG A 282 28.63 17.25 14.22
N GLU A 283 29.30 18.34 13.89
CA GLU A 283 28.96 19.13 12.70
C GLU A 283 29.01 18.40 11.33
N PRO A 284 30.04 17.55 11.09
CA PRO A 284 30.01 16.78 9.83
C PRO A 284 28.78 15.88 9.68
N LEU A 285 28.22 15.39 10.79
CA LEU A 285 27.01 14.58 10.76
C LEU A 285 25.74 15.39 10.48
N TYR A 286 25.65 16.57 11.08
CA TYR A 286 24.56 17.48 10.81
C TYR A 286 24.58 17.92 9.35
N GLU A 287 25.78 18.14 8.84
CA GLU A 287 25.97 18.48 7.44
C GLU A 287 25.56 17.28 6.57
N HIS A 288 25.86 16.07 7.00
CA HIS A 288 25.37 14.88 6.28
C HIS A 288 23.84 14.73 6.24
N VAL A 289 23.17 15.09 7.34
CA VAL A 289 21.72 15.00 7.40
C VAL A 289 21.12 16.00 6.41
N ASN A 290 21.69 17.20 6.41
CA ASN A 290 21.27 18.24 5.48
C ASN A 290 21.46 17.83 4.03
N GLN A 291 22.68 17.38 3.71
CA GLN A 291 23.08 17.05 2.35
C GLN A 291 22.36 15.83 1.75
N VAL A 292 22.06 14.85 2.60
CA VAL A 292 21.38 13.65 2.14
C VAL A 292 19.92 13.96 1.78
N TRP A 293 19.23 14.76 2.62
CA TRP A 293 17.90 15.22 2.24
C TRP A 293 17.97 16.04 0.96
N GLU A 294 18.86 17.03 0.92
CA GLU A 294 18.96 17.87 -0.26
C GLU A 294 19.17 17.06 -1.52
N THR A 295 20.14 16.14 -1.48
CA THR A 295 20.49 15.34 -2.65
C THR A 295 19.40 14.38 -3.01
N PHE A 296 18.76 13.73 -2.02
CA PHE A 296 17.59 12.92 -2.30
C PHE A 296 16.54 13.74 -3.06
N GLU A 297 16.17 14.91 -2.54
CA GLU A 297 15.15 15.75 -3.17
C GLU A 297 15.50 16.14 -4.60
N GLU A 298 16.74 16.58 -4.80
CA GLU A 298 17.26 16.91 -6.13
C GLU A 298 17.17 15.73 -7.07
N THR A 299 17.70 14.59 -6.60
CA THR A 299 17.82 13.37 -7.40
C THR A 299 16.46 12.80 -7.78
N PHE A 300 15.56 12.75 -6.80
CA PHE A 300 14.17 12.30 -6.98
C PHE A 300 13.45 13.24 -7.95
N SER A 301 13.70 14.54 -7.80
CA SER A 301 13.05 15.56 -8.61
C SER A 301 13.50 15.51 -10.08
N GLU A 302 14.80 15.34 -10.30
CA GLU A 302 15.33 15.27 -11.67
C GLU A 302 14.72 14.06 -12.37
N ALA A 303 14.78 12.91 -11.70
CA ALA A 303 14.17 11.65 -12.16
C ALA A 303 12.68 11.77 -12.50
N TRP A 304 11.94 12.44 -11.61
CA TRP A 304 10.52 12.75 -11.78
C TRP A 304 10.26 13.52 -13.08
N GLN A 305 11.06 14.57 -13.29
CA GLN A 305 10.94 15.41 -14.49
C GLN A 305 11.21 14.63 -15.78
N LYS A 306 12.32 13.91 -15.78
CA LYS A 306 12.81 13.25 -16.97
C LYS A 306 12.09 11.93 -17.28
N ASP A 307 11.68 11.21 -16.25
CA ASP A 307 11.24 9.83 -16.46
C ASP A 307 9.88 9.44 -15.87
N SER A 308 9.01 10.41 -15.59
CA SER A 308 7.67 10.07 -15.05
C SER A 308 6.79 9.61 -16.19
N LEU A 309 5.94 8.62 -15.93
CA LEU A 309 4.99 8.13 -16.93
C LEU A 309 3.62 8.77 -16.69
N ASP A 310 3.46 9.33 -15.48
CA ASP A 310 2.21 9.89 -14.99
C ASP A 310 1.81 11.15 -15.73
N VAL A 311 0.58 11.21 -16.25
CA VAL A 311 0.05 12.44 -16.87
C VAL A 311 -0.06 13.60 -15.88
N TYR A 312 -0.20 13.28 -14.61
CA TYR A 312 -0.30 14.26 -13.52
C TYR A 312 1.05 14.85 -13.10
N ALA A 313 2.16 14.28 -13.58
CA ALA A 313 3.50 14.57 -13.05
C ALA A 313 3.89 16.04 -13.11
N ASN A 314 3.57 16.71 -14.21
CA ASN A 314 4.04 18.09 -14.40
C ASN A 314 3.01 19.17 -14.04
N ILE A 315 1.95 18.78 -13.34
CA ILE A 315 1.03 19.76 -12.75
C ILE A 315 1.79 20.44 -11.61
N ASP A 316 1.92 21.77 -11.70
CA ASP A 316 2.66 22.57 -10.74
C ASP A 316 2.15 22.33 -9.33
N GLY A 317 3.04 21.89 -8.45
CA GLY A 317 2.71 21.69 -7.05
C GLY A 317 2.57 20.23 -6.65
N TYR A 318 2.40 19.35 -7.61
CA TYR A 318 2.24 17.93 -7.30
C TYR A 318 3.55 17.23 -6.83
N LEU A 319 4.67 17.48 -7.52
CA LEU A 319 5.97 17.00 -7.04
C LEU A 319 6.28 17.55 -5.64
N THR A 320 5.97 18.83 -5.44
CA THR A 320 6.13 19.50 -4.15
C THR A 320 5.34 18.86 -3.02
N ASP A 321 4.05 18.59 -3.23
CA ASP A 321 3.25 17.91 -2.19
C ASP A 321 3.70 16.49 -1.94
N THR A 322 4.13 15.82 -3.00
CA THR A 322 4.65 14.46 -2.92
C THR A 322 5.91 14.42 -2.04
N LEU A 323 6.87 15.31 -2.29
CA LEU A 323 8.06 15.44 -1.45
C LEU A 323 7.73 15.79 -0.01
N SER A 324 6.75 16.66 0.20
CA SER A 324 6.30 16.99 1.57
C SER A 324 5.80 15.79 2.33
N HIS A 325 5.09 14.89 1.64
CA HIS A 325 4.62 13.65 2.25
C HIS A 325 5.76 12.69 2.58
N ILE A 326 6.74 12.61 1.68
CA ILE A 326 7.90 11.73 1.91
C ILE A 326 8.74 12.26 3.07
N PHE A 327 8.93 13.57 3.10
CA PHE A 327 9.68 14.25 4.15
C PHE A 327 9.08 13.96 5.52
N GLU A 328 7.76 14.11 5.62
CA GLU A 328 7.01 13.88 6.87
C GLU A 328 7.18 12.44 7.37
N GLU A 329 6.93 11.45 6.50
CA GLU A 329 7.08 10.04 6.89
C GLU A 329 8.51 9.69 7.27
N ALA A 330 9.47 10.17 6.48
CA ALA A 330 10.90 10.01 6.74
C ALA A 330 11.30 10.50 8.13
N ILE A 331 10.83 11.69 8.53
CA ILE A 331 11.10 12.17 9.91
C ILE A 331 10.47 11.26 10.97
N GLY A 332 9.25 10.79 10.75
CA GLY A 332 8.58 9.89 11.70
C GLY A 332 9.24 8.53 11.82
N PHE A 333 9.62 7.96 10.68
CA PHE A 333 10.42 6.73 10.64
C PHE A 333 11.80 6.92 11.33
N ALA A 334 12.41 8.09 11.15
CA ALA A 334 13.66 8.42 11.88
C ALA A 334 13.44 8.42 13.39
N GLY A 335 12.31 8.95 13.82
CA GLY A 335 11.95 8.93 15.23
C GLY A 335 11.97 7.52 15.74
N CYS A 336 11.20 6.64 15.11
CA CYS A 336 11.13 5.21 15.44
C CYS A 336 12.51 4.54 15.46
N GLU A 337 13.35 4.81 14.48
CA GLU A 337 14.69 4.24 14.45
C GLU A 337 15.55 4.74 15.60
N LEU A 338 15.44 6.02 15.97
CA LEU A 338 16.22 6.56 17.07
C LEU A 338 15.85 5.87 18.36
N ILE A 339 14.55 5.67 18.60
CA ILE A 339 14.02 5.01 19.82
C ILE A 339 14.33 3.52 19.87
N ARG A 340 14.08 2.85 18.74
CA ARG A 340 14.26 1.42 18.51
C ARG A 340 15.69 0.98 18.80
N ARG A 341 16.65 1.78 18.32
CA ARG A 341 18.08 1.47 18.44
C ARG A 341 18.61 1.67 19.84
N THR A 342 17.82 2.38 20.65
CA THR A 342 18.24 2.80 21.99
C THR A 342 17.77 1.82 23.06
N ILE A 343 16.54 1.33 22.93
CA ILE A 343 15.95 0.49 23.99
C ILE A 343 15.45 -0.88 23.54
N GLY A 344 15.58 -1.16 22.25
CA GLY A 344 15.05 -2.39 21.70
C GLY A 344 16.07 -3.51 21.69
N LEU A 345 15.72 -4.59 20.98
CA LEU A 345 16.58 -5.78 20.89
C LEU A 345 17.91 -5.48 20.21
N ALA A 346 17.85 -4.76 19.10
CA ALA A 346 19.03 -4.51 18.29
C ALA A 346 19.53 -3.07 18.46
N HIS A 347 20.65 -2.95 19.17
CA HIS A 347 21.26 -1.66 19.47
C HIS A 347 22.24 -1.23 18.42
N VAL A 348 22.80 -0.03 18.58
CA VAL A 348 23.87 0.45 17.70
C VAL A 348 25.15 0.67 18.52
N ALA A 349 26.30 0.33 17.94
CA ALA A 349 27.59 0.54 18.58
C ALA A 349 27.89 2.01 18.91
N ASP A 350 27.29 2.95 18.18
CA ASP A 350 27.47 4.39 18.45
C ASP A 350 27.07 4.73 19.88
N LEU A 351 25.92 4.22 20.32
CA LEU A 351 25.41 4.51 21.65
C LEU A 351 26.00 3.59 22.72
N ASP A 352 26.05 2.28 22.42
CA ASP A 352 26.50 1.29 23.40
C ASP A 352 27.98 1.38 23.78
N THR A 353 28.77 2.12 23.02
CA THR A 353 30.20 2.27 23.28
C THR A 353 30.58 3.62 23.89
N ILE A 354 29.58 4.48 24.11
CA ILE A 354 29.80 5.77 24.77
C ILE A 354 30.33 5.53 26.18
N VAL A 355 31.34 6.30 26.56
CA VAL A 355 31.90 6.24 27.93
C VAL A 355 32.08 7.66 28.53
N PRO A 356 31.98 7.77 29.87
CA PRO A 356 31.62 6.72 30.84
C PRO A 356 30.13 6.35 30.82
N PHE A 357 29.76 5.44 31.71
CA PHE A 357 28.42 4.90 31.79
C PHE A 357 27.32 5.95 31.91
N ASP A 358 27.48 6.89 32.84
CA ASP A 358 26.50 7.95 33.06
C ASP A 358 26.31 8.85 31.83
N LYS A 359 27.38 9.03 31.06
CA LYS A 359 27.32 9.78 29.81
C LYS A 359 26.48 9.01 28.80
N ARG A 360 26.72 7.70 28.74
CA ARG A 360 25.98 6.79 27.87
C ARG A 360 24.48 6.85 28.15
N ILE A 361 24.12 6.76 29.43
CA ILE A 361 22.72 6.92 29.85
C ILE A 361 22.13 8.27 29.40
N GLY A 362 22.90 9.34 29.58
CA GLY A 362 22.47 10.70 29.22
C GLY A 362 22.16 10.81 27.76
N ARG A 363 23.05 10.29 26.93
CA ARG A 363 22.91 10.32 25.48
C ARG A 363 21.80 9.40 24.98
N LYS A 364 21.57 8.29 25.68
CA LYS A 364 20.49 7.38 25.35
C LYS A 364 19.14 7.98 25.70
N ARG A 365 19.06 8.68 26.82
CA ARG A 365 17.88 9.49 27.16
C ARG A 365 17.56 10.52 26.07
N LEU A 366 18.59 11.15 25.50
CA LEU A 366 18.39 12.13 24.43
C LEU A 366 17.95 11.51 23.10
N ALA A 367 18.40 10.28 22.81
CA ALA A 367 17.96 9.58 21.58
C ALA A 367 16.48 9.27 21.65
N LEU A 368 16.01 8.90 22.85
CA LEU A 368 14.58 8.68 23.12
C LEU A 368 13.76 9.95 23.00
N GLU A 369 14.32 11.05 23.46
CA GLU A 369 13.64 12.34 23.51
C GLU A 369 13.52 12.95 22.13
N THR A 370 14.61 12.88 21.35
CA THR A 370 14.59 13.40 19.99
C THR A 370 13.75 12.53 19.05
N GLY A 371 13.84 11.22 19.20
CA GLY A 371 13.00 10.30 18.42
C GLY A 371 11.52 10.59 18.63
N THR A 372 11.12 10.77 19.90
CA THR A 372 9.74 11.10 20.26
C THR A 372 9.29 12.42 19.63
N ALA A 373 10.13 13.43 19.72
CA ALA A 373 9.87 14.72 19.10
C ALA A 373 9.71 14.59 17.59
N PHE A 374 10.58 13.80 16.97
CA PHE A 374 10.52 13.52 15.53
C PHE A 374 9.15 12.90 15.15
N ILE A 375 8.76 11.84 15.86
CA ILE A 375 7.46 11.19 15.63
C ILE A 375 6.30 12.17 15.77
N GLU A 376 6.29 12.90 16.88
CA GLU A 376 5.20 13.80 17.26
C GLU A 376 5.06 15.05 16.38
N LYS A 377 6.19 15.62 15.99
CA LYS A 377 6.22 16.90 15.31
C LYS A 377 6.53 16.79 13.82
N ARG A 378 6.51 15.56 13.28
CA ARG A 378 6.97 15.32 11.89
C ARG A 378 6.31 16.15 10.79
N SER A 379 5.04 16.48 10.98
CA SER A 379 4.26 17.26 10.01
C SER A 379 4.43 18.76 10.18
N GLU A 380 5.14 19.18 11.22
CA GLU A 380 5.30 20.61 11.52
C GLU A 380 6.57 21.18 10.92
N PHE A 381 7.53 20.31 10.59
CA PHE A 381 8.80 20.74 10.01
C PHE A 381 8.55 21.11 8.57
N LYS A 382 9.22 22.17 8.11
CA LYS A 382 9.09 22.58 6.73
C LYS A 382 10.32 22.22 5.91
N THR A 383 11.49 22.31 6.52
CA THR A 383 12.76 21.96 5.87
C THR A 383 13.54 21.00 6.76
N ILE A 384 14.53 20.33 6.18
CA ILE A 384 15.50 19.52 6.91
C ILE A 384 16.27 20.34 7.96
N THR A 385 16.51 21.62 7.68
CA THR A 385 17.12 22.55 8.63
C THR A 385 16.33 22.65 9.93
N ASP A 386 14.99 22.66 9.82
CA ASP A 386 14.11 22.69 10.98
C ASP A 386 14.36 21.48 11.84
N VAL A 387 14.61 20.36 11.17
CA VAL A 387 14.83 19.09 11.89
C VAL A 387 16.17 19.11 12.60
N ILE A 388 17.20 19.58 11.89
CA ILE A 388 18.55 19.70 12.44
C ILE A 388 18.61 20.74 13.58
N GLU A 389 17.89 21.84 13.46
CA GLU A 389 17.92 22.86 14.51
C GLU A 389 17.14 22.47 15.76
N LEU A 390 16.01 21.77 15.61
CA LEU A 390 15.33 21.22 16.80
C LEU A 390 16.19 20.16 17.51
N PHE A 391 16.81 19.27 16.76
CA PHE A 391 17.67 18.24 17.34
C PHE A 391 18.78 18.87 18.19
N LYS A 392 19.48 19.85 17.61
CA LYS A 392 20.57 20.56 18.27
C LYS A 392 20.14 21.15 19.60
N LEU A 393 18.95 21.77 19.64
CA LEU A 393 18.44 22.37 20.87
C LEU A 393 18.13 21.31 21.93
N LEU A 394 17.54 20.20 21.50
CA LEU A 394 17.20 19.11 22.44
C LEU A 394 18.43 18.41 23.04
N VAL A 395 19.56 18.46 22.34
CA VAL A 395 20.75 17.74 22.75
C VAL A 395 21.86 18.65 23.30
N LYS A 396 21.56 19.94 23.40
CA LYS A 396 22.44 20.83 24.15
C LYS A 396 22.60 20.25 25.54
N PRO B 7 -5.94 -27.54 -24.03
CA PRO B 7 -6.34 -26.40 -23.19
C PRO B 7 -7.73 -26.60 -22.59
N LEU B 8 -7.83 -26.49 -21.26
CA LEU B 8 -9.03 -26.89 -20.53
C LEU B 8 -10.23 -25.94 -20.68
N TYR B 9 -9.97 -24.66 -20.99
CA TYR B 9 -11.06 -23.69 -21.12
C TYR B 9 -11.89 -23.87 -22.40
N GLU B 10 -13.20 -24.00 -22.22
CA GLU B 10 -14.16 -23.99 -23.32
C GLU B 10 -15.38 -23.15 -22.91
N THR B 11 -15.79 -22.25 -23.79
CA THR B 11 -16.99 -21.44 -23.54
C THR B 11 -18.24 -22.33 -23.49
N LEU B 12 -19.06 -22.12 -22.46
CA LEU B 12 -20.28 -22.89 -22.26
C LEU B 12 -21.43 -22.36 -23.11
N ASN B 13 -22.44 -23.21 -23.31
CA ASN B 13 -23.73 -22.79 -23.84
C ASN B 13 -24.82 -23.29 -22.88
N GLU B 14 -26.09 -23.07 -23.22
CA GLU B 14 -27.19 -23.51 -22.36
C GLU B 14 -27.20 -25.01 -22.09
N SER B 15 -26.78 -25.81 -23.07
CA SER B 15 -26.74 -27.26 -22.93
C SER B 15 -25.63 -27.72 -22.00
N SER B 16 -24.39 -27.32 -22.29
CA SER B 16 -23.24 -27.73 -21.48
C SER B 16 -23.27 -27.12 -20.07
N ALA B 17 -23.92 -25.96 -19.93
CA ALA B 17 -24.18 -25.37 -18.61
C ALA B 17 -25.07 -26.29 -17.77
N VAL B 18 -26.14 -26.81 -18.37
CA VAL B 18 -27.04 -27.80 -17.75
C VAL B 18 -26.27 -29.08 -17.40
N ALA B 19 -25.45 -29.55 -18.35
CA ALA B 19 -24.64 -30.76 -18.17
C ALA B 19 -23.63 -30.61 -17.02
N LEU B 20 -23.00 -29.44 -16.94
CA LEU B 20 -22.11 -29.12 -15.82
C LEU B 20 -22.86 -29.20 -14.48
N ALA B 21 -24.02 -28.56 -14.39
CA ALA B 21 -24.87 -28.55 -13.18
C ALA B 21 -25.24 -29.95 -12.67
N VAL B 22 -25.64 -30.82 -13.59
CA VAL B 22 -25.98 -32.21 -13.29
C VAL B 22 -24.75 -33.04 -12.87
N LYS B 23 -23.64 -32.84 -13.59
CA LYS B 23 -22.36 -33.46 -13.25
C LYS B 23 -21.86 -33.09 -11.85
N LEU B 24 -22.21 -31.89 -11.38
CA LEU B 24 -21.88 -31.49 -10.02
C LEU B 24 -22.84 -32.07 -8.97
N GLY B 25 -23.91 -32.71 -9.44
CA GLY B 25 -24.91 -33.31 -8.56
C GLY B 25 -25.85 -32.29 -7.95
N LEU B 26 -25.82 -31.09 -8.52
CA LEU B 26 -26.64 -29.98 -8.02
C LEU B 26 -28.08 -30.13 -8.48
N PHE B 27 -28.28 -30.97 -9.50
CA PHE B 27 -29.61 -31.40 -9.94
C PHE B 27 -29.60 -32.91 -10.24
N PRO B 28 -30.75 -33.60 -10.04
CA PRO B 28 -31.01 -35.03 -10.33
C PRO B 28 -30.47 -35.64 -11.64
N SER B 29 -30.85 -35.20 -12.86
CA SER B 29 -31.96 -34.32 -13.20
C SER B 29 -32.53 -34.77 -14.54
N THR B 32 -34.80 -32.53 -16.89
CA THR B 32 -35.91 -31.84 -16.23
C THR B 32 -35.68 -30.31 -16.08
N LEU B 33 -34.64 -29.80 -16.74
CA LEU B 33 -34.18 -28.44 -16.50
C LEU B 33 -34.34 -27.53 -17.73
N THR B 34 -34.52 -26.24 -17.49
CA THR B 34 -34.46 -25.24 -18.57
C THR B 34 -33.36 -24.23 -18.27
N CYS B 35 -32.69 -23.77 -19.32
CA CYS B 35 -31.58 -22.83 -19.19
C CYS B 35 -31.74 -21.63 -20.11
N GLN B 36 -31.57 -20.44 -19.55
CA GLN B 36 -31.50 -19.21 -20.33
C GLN B 36 -30.27 -18.40 -19.92
N GLU B 37 -29.52 -17.90 -20.92
CA GLU B 37 -28.40 -17.00 -20.68
C GLU B 37 -28.95 -15.58 -20.51
N ILE B 38 -28.70 -14.99 -19.34
CA ILE B 38 -29.34 -13.72 -18.92
C ILE B 38 -28.36 -12.57 -18.63
N GLY B 39 -27.08 -12.75 -18.94
CA GLY B 39 -26.07 -11.73 -18.68
C GLY B 39 -26.31 -10.45 -19.46
N ASP B 40 -25.91 -9.31 -18.89
CA ASP B 40 -26.09 -8.03 -19.57
C ASP B 40 -24.77 -7.36 -19.99
N GLY B 41 -23.66 -8.04 -19.70
CA GLY B 41 -22.33 -7.58 -20.10
C GLY B 41 -21.81 -8.38 -21.28
N ASN B 42 -20.65 -7.95 -21.80
CA ASN B 42 -20.07 -8.54 -23.00
C ASN B 42 -18.82 -9.39 -22.68
N LEU B 43 -18.53 -9.58 -21.40
CA LEU B 43 -17.34 -10.33 -20.99
C LEU B 43 -17.63 -11.49 -20.04
N ASN B 44 -18.91 -11.76 -19.82
CA ASN B 44 -19.33 -12.88 -18.99
C ASN B 44 -20.64 -13.41 -19.51
N TYR B 45 -20.82 -14.72 -19.46
CA TYR B 45 -22.16 -15.29 -19.59
C TYR B 45 -22.68 -15.60 -18.21
N VAL B 46 -23.99 -15.44 -18.04
CA VAL B 46 -24.66 -15.82 -16.81
C VAL B 46 -25.81 -16.73 -17.22
N PHE B 47 -25.70 -18.00 -16.84
CA PHE B 47 -26.71 -18.99 -17.19
C PHE B 47 -27.60 -19.26 -16.00
N HIS B 48 -28.90 -19.04 -16.19
CA HIS B 48 -29.92 -19.37 -15.20
C HIS B 48 -30.52 -20.74 -15.49
N ILE B 49 -30.55 -21.61 -14.48
CA ILE B 49 -30.98 -22.99 -14.64
C ILE B 49 -32.06 -23.29 -13.61
N TYR B 50 -33.23 -23.73 -14.10
CA TYR B 50 -34.40 -23.93 -13.25
C TYR B 50 -34.95 -25.37 -13.36
N ARG B 56 -36.49 -25.13 -7.35
CA ARG B 56 -35.00 -24.98 -7.23
C ARG B 56 -34.34 -24.42 -8.49
N ALA B 57 -33.44 -23.46 -8.31
CA ALA B 57 -32.67 -22.88 -9.43
C ALA B 57 -31.19 -22.66 -9.10
N LEU B 58 -30.41 -22.32 -10.13
CA LEU B 58 -28.97 -22.12 -10.01
C LEU B 58 -28.50 -21.08 -11.00
N ILE B 59 -27.38 -20.45 -10.67
CA ILE B 59 -26.71 -19.57 -11.60
C ILE B 59 -25.30 -20.09 -11.86
N ILE B 60 -24.92 -20.09 -13.13
CA ILE B 60 -23.55 -20.37 -13.52
C ILE B 60 -23.02 -19.20 -14.33
N LYS B 61 -22.00 -18.53 -13.79
CA LYS B 61 -21.33 -17.41 -14.44
C LYS B 61 -20.01 -17.89 -15.01
N GLN B 62 -19.71 -17.49 -16.24
CA GLN B 62 -18.44 -17.84 -16.89
C GLN B 62 -17.82 -16.63 -17.60
N ALA B 63 -16.53 -16.38 -17.34
CA ALA B 63 -15.79 -15.34 -18.02
C ALA B 63 -15.54 -15.77 -19.47
N VAL B 64 -15.68 -14.82 -20.39
CA VAL B 64 -15.29 -15.06 -21.78
C VAL B 64 -14.03 -14.28 -22.11
N PRO B 65 -13.12 -14.88 -22.90
CA PRO B 65 -11.90 -14.15 -23.20
C PRO B 65 -12.11 -12.94 -24.12
N TYR B 66 -13.18 -12.99 -24.94
CA TYR B 66 -13.37 -12.13 -26.12
C TYR B 66 -12.45 -12.60 -27.26
N ALA B 67 -12.87 -13.67 -27.93
CA ALA B 67 -12.01 -14.45 -28.80
C ALA B 67 -12.81 -15.52 -29.53
N PRO B 75 -9.99 -6.51 -24.56
CA PRO B 75 -10.02 -7.87 -24.05
C PRO B 75 -9.54 -7.96 -22.61
N LEU B 76 -9.92 -9.04 -21.95
CA LEU B 76 -9.75 -9.16 -20.51
C LEU B 76 -9.62 -10.62 -20.08
N THR B 77 -8.53 -10.88 -19.35
CA THR B 77 -8.19 -12.20 -18.83
C THR B 77 -9.36 -12.92 -18.20
N ILE B 78 -9.44 -14.22 -18.42
CA ILE B 78 -10.46 -15.02 -17.72
C ILE B 78 -10.07 -15.28 -16.27
N ASP B 79 -8.90 -14.76 -15.85
CA ASP B 79 -8.44 -14.91 -14.47
C ASP B 79 -9.33 -14.18 -13.46
N ARG B 80 -10.13 -13.22 -13.92
CA ARG B 80 -11.02 -12.50 -13.00
C ARG B 80 -12.07 -13.41 -12.39
N ALA B 81 -12.33 -14.54 -13.04
CA ALA B 81 -13.26 -15.53 -12.48
C ALA B 81 -12.70 -16.23 -11.25
N ARG B 82 -11.39 -16.45 -11.20
CA ARG B 82 -10.73 -16.94 -9.98
C ARG B 82 -10.82 -15.92 -8.85
N ILE B 83 -10.55 -14.65 -9.18
CA ILE B 83 -10.68 -13.58 -8.18
C ILE B 83 -12.11 -13.44 -7.66
N GLU B 84 -13.08 -13.42 -8.58
CA GLU B 84 -14.48 -13.27 -8.23
C GLU B 84 -15.00 -14.38 -7.32
N SER B 85 -14.73 -15.63 -7.67
CA SER B 85 -15.08 -16.77 -6.81
C SER B 85 -14.45 -16.61 -5.45
N SER B 86 -13.14 -16.38 -5.43
CA SER B 86 -12.40 -16.26 -4.19
C SER B 86 -12.90 -15.09 -3.35
N ALA B 87 -13.20 -13.98 -4.02
CA ALA B 87 -13.73 -12.80 -3.32
C ALA B 87 -15.09 -13.10 -2.70
N LEU B 88 -15.97 -13.76 -3.45
CA LEU B 88 -17.32 -14.07 -2.98
C LEU B 88 -17.31 -15.00 -1.79
N ILE B 89 -16.44 -16.00 -1.83
CA ILE B 89 -16.29 -16.93 -0.72
C ILE B 89 -15.77 -16.24 0.53
N ARG B 90 -14.72 -15.41 0.38
CA ARG B 90 -14.19 -14.61 1.49
C ARG B 90 -15.23 -13.67 2.11
N GLN B 91 -16.00 -12.98 1.27
CA GLN B 91 -17.09 -12.13 1.75
C GLN B 91 -18.12 -12.94 2.50
N GLY B 92 -18.45 -14.12 1.96
CA GLY B 92 -19.38 -15.05 2.61
C GLY B 92 -19.01 -15.54 3.99
N GLU B 93 -17.73 -15.49 4.33
CA GLU B 93 -17.26 -15.95 5.64
C GLU B 93 -17.74 -15.07 6.77
N HIS B 94 -17.92 -13.78 6.47
CA HIS B 94 -18.29 -12.80 7.50
C HIS B 94 -19.70 -12.26 7.33
N VAL B 95 -20.14 -12.07 6.08
CA VAL B 95 -21.50 -11.63 5.79
C VAL B 95 -22.20 -12.59 4.80
N PRO B 96 -22.47 -13.85 5.23
CA PRO B 96 -23.04 -14.86 4.33
C PRO B 96 -24.42 -14.45 3.81
N HIS B 97 -25.13 -13.65 4.59
CA HIS B 97 -26.48 -13.22 4.27
C HIS B 97 -26.53 -12.08 3.25
N LEU B 98 -25.36 -11.51 2.94
CA LEU B 98 -25.31 -10.36 2.04
C LEU B 98 -24.57 -10.62 0.75
N VAL B 99 -24.22 -11.89 0.50
CA VAL B 99 -23.62 -12.31 -0.77
C VAL B 99 -24.24 -13.62 -1.21
N PRO B 100 -24.30 -13.86 -2.55
CA PRO B 100 -24.77 -15.18 -2.98
C PRO B 100 -23.81 -16.28 -2.54
N ARG B 101 -24.39 -17.40 -2.08
CA ARG B 101 -23.63 -18.60 -1.79
C ARG B 101 -22.99 -19.14 -3.06
N VAL B 102 -21.80 -19.70 -2.92
CA VAL B 102 -21.07 -20.32 -4.02
C VAL B 102 -21.08 -21.82 -3.78
N PHE B 103 -21.46 -22.57 -4.82
CA PHE B 103 -21.56 -24.03 -4.67
C PHE B 103 -20.37 -24.74 -5.30
N TYR B 104 -19.76 -24.10 -6.28
CA TYR B 104 -18.65 -24.68 -7.03
C TYR B 104 -17.94 -23.57 -7.76
N SER B 105 -16.63 -23.71 -7.89
CA SER B 105 -15.85 -22.81 -8.71
C SER B 105 -14.70 -23.54 -9.38
N ASP B 106 -14.32 -23.08 -10.57
CA ASP B 106 -13.22 -23.69 -11.32
C ASP B 106 -12.46 -22.63 -12.10
N THR B 107 -11.18 -22.47 -11.79
CA THR B 107 -10.34 -21.47 -12.42
C THR B 107 -10.10 -21.72 -13.91
N GLU B 108 -9.82 -22.98 -14.27
CA GLU B 108 -9.57 -23.40 -15.65
C GLU B 108 -10.76 -23.12 -16.60
N MET B 109 -11.96 -23.52 -16.18
CA MET B 109 -13.16 -23.20 -16.96
C MET B 109 -13.65 -21.77 -16.77
N ALA B 110 -13.11 -21.09 -15.75
CA ALA B 110 -13.49 -19.70 -15.40
C ALA B 110 -14.96 -19.58 -14.97
N VAL B 111 -15.39 -20.50 -14.11
CA VAL B 111 -16.80 -20.66 -13.77
C VAL B 111 -17.06 -20.44 -12.27
N THR B 112 -18.15 -19.76 -11.93
CA THR B 112 -18.64 -19.73 -10.55
C THR B 112 -20.09 -20.15 -10.56
N VAL B 113 -20.38 -21.22 -9.84
CA VAL B 113 -21.74 -21.72 -9.68
C VAL B 113 -22.26 -21.18 -8.35
N MET B 114 -23.35 -20.44 -8.39
CA MET B 114 -23.80 -19.70 -7.22
C MET B 114 -25.32 -19.65 -7.08
N GLU B 115 -25.76 -19.18 -5.92
CA GLU B 115 -27.15 -19.01 -5.56
C GLU B 115 -27.89 -18.11 -6.55
N ASP B 116 -29.09 -18.54 -6.95
CA ASP B 116 -29.97 -17.73 -7.79
C ASP B 116 -30.65 -16.66 -6.94
N LEU B 117 -30.59 -15.43 -7.45
CA LEU B 117 -31.16 -14.26 -6.81
C LEU B 117 -32.16 -13.55 -7.75
N SER B 118 -32.77 -14.32 -8.65
CA SER B 118 -33.75 -13.82 -9.61
C SER B 118 -34.99 -13.16 -9.01
N HIS B 119 -35.30 -13.48 -7.75
CA HIS B 119 -36.43 -12.87 -7.02
C HIS B 119 -36.13 -11.44 -6.53
N LEU B 120 -34.91 -10.98 -6.79
CA LEU B 120 -34.45 -9.64 -6.42
C LEU B 120 -34.24 -8.79 -7.67
N LYS B 121 -34.13 -7.47 -7.49
CA LYS B 121 -33.90 -6.54 -8.59
C LYS B 121 -32.56 -5.84 -8.38
N ILE B 122 -31.84 -5.56 -9.47
CA ILE B 122 -30.63 -4.76 -9.35
C ILE B 122 -31.02 -3.39 -8.77
N ALA B 123 -30.29 -2.93 -7.75
CA ALA B 123 -30.67 -1.73 -6.99
C ALA B 123 -30.77 -0.47 -7.85
N ARG B 124 -29.85 -0.29 -8.79
CA ARG B 124 -29.90 0.88 -9.66
C ARG B 124 -31.22 0.95 -10.43
N LYS B 125 -31.62 -0.18 -11.01
CA LYS B 125 -32.91 -0.27 -11.72
C LYS B 125 -34.08 0.08 -10.80
N GLY B 126 -34.15 -0.57 -9.64
CA GLY B 126 -35.22 -0.33 -8.68
C GLY B 126 -35.26 1.13 -8.24
N LEU B 127 -34.10 1.70 -7.95
CA LEU B 127 -34.03 3.09 -7.47
C LEU B 127 -34.53 4.10 -8.52
N ILE B 128 -34.19 3.86 -9.79
CA ILE B 128 -34.66 4.70 -10.89
C ILE B 128 -36.17 4.57 -11.09
N GLU B 129 -36.72 3.40 -10.80
CA GLU B 129 -38.16 3.16 -10.85
C GLU B 129 -38.88 3.78 -9.65
N GLY B 130 -38.10 4.21 -8.65
CA GLY B 130 -38.65 4.87 -7.47
C GLY B 130 -38.83 4.01 -6.23
N GLU B 131 -38.24 2.80 -6.25
CA GLU B 131 -38.16 1.99 -5.04
C GLU B 131 -37.21 2.68 -4.09
N ASN B 132 -37.49 2.60 -2.79
CA ASN B 132 -36.63 3.29 -1.81
C ASN B 132 -35.72 2.36 -0.98
N TYR B 133 -36.09 1.07 -0.89
CA TYR B 133 -35.31 0.02 -0.22
C TYR B 133 -34.85 0.42 1.18
N PRO B 134 -35.77 0.39 2.17
CA PRO B 134 -35.51 0.97 3.49
C PRO B 134 -34.22 0.48 4.16
N HIS B 135 -33.87 -0.78 3.92
CA HIS B 135 -32.75 -1.42 4.62
C HIS B 135 -31.46 -1.48 3.82
N LEU B 136 -31.46 -0.89 2.62
CA LEU B 136 -30.31 -0.95 1.73
C LEU B 136 -29.03 -0.44 2.40
N SER B 137 -29.11 0.71 3.06
CA SER B 137 -27.95 1.33 3.71
C SER B 137 -27.49 0.58 4.95
N GLN B 138 -28.43 0.04 5.73
CA GLN B 138 -28.09 -0.78 6.89
C GLN B 138 -27.34 -2.03 6.44
N HIS B 139 -27.85 -2.69 5.40
CA HIS B 139 -27.22 -3.92 4.88
C HIS B 139 -25.87 -3.65 4.23
N ILE B 140 -25.79 -2.64 3.38
CA ILE B 140 -24.52 -2.31 2.73
C ILE B 140 -23.46 -1.76 3.72
N GLY B 141 -23.91 -1.02 4.74
CA GLY B 141 -23.02 -0.54 5.80
C GLY B 141 -22.34 -1.67 6.53
N GLU B 142 -23.11 -2.71 6.86
CA GLU B 142 -22.62 -3.97 7.46
C GLU B 142 -21.66 -4.68 6.54
N PHE B 143 -22.08 -4.94 5.30
CA PHE B 143 -21.15 -5.46 4.29
C PHE B 143 -19.84 -4.72 4.30
N LEU B 144 -19.89 -3.39 4.30
CA LEU B 144 -18.68 -2.58 4.18
C LEU B 144 -17.76 -2.70 5.41
N GLY B 145 -18.34 -2.65 6.60
CA GLY B 145 -17.55 -2.67 7.81
C GLY B 145 -16.92 -4.00 8.15
N LYS B 146 -17.67 -5.09 7.96
CA LYS B 146 -17.14 -6.43 8.17
C LYS B 146 -16.20 -6.86 7.03
N THR B 147 -16.55 -6.66 5.77
CA THR B 147 -15.64 -7.12 4.73
C THR B 147 -14.32 -6.35 4.83
N LEU B 148 -14.40 -5.03 4.98
CA LEU B 148 -13.20 -4.19 4.95
C LEU B 148 -12.34 -4.35 6.20
N PHE B 149 -12.95 -4.50 7.35
CA PHE B 149 -12.16 -4.89 8.53
C PHE B 149 -11.47 -6.26 8.47
N TYR B 150 -12.21 -7.31 8.10
CA TYR B 150 -11.76 -8.67 8.40
C TYR B 150 -10.68 -9.19 7.47
N SER B 151 -10.39 -8.41 6.44
CA SER B 151 -9.31 -8.76 5.53
C SER B 151 -8.15 -7.77 5.65
N SER B 152 -8.16 -6.96 6.71
CA SER B 152 -7.12 -5.94 6.95
C SER B 152 -6.01 -6.41 7.90
N ASP B 153 -4.94 -5.61 8.03
CA ASP B 153 -3.87 -5.89 9.00
C ASP B 153 -4.39 -5.76 10.42
N TYR B 154 -5.54 -5.10 10.59
CA TYR B 154 -6.14 -4.96 11.92
C TYR B 154 -6.70 -6.28 12.37
N ALA B 155 -7.14 -7.09 11.41
CA ALA B 155 -7.80 -8.36 11.71
C ALA B 155 -6.92 -9.59 11.52
N LEU B 156 -5.94 -9.48 10.64
CA LEU B 156 -5.16 -10.63 10.18
C LEU B 156 -3.72 -10.54 10.64
N GLU B 157 -3.12 -11.70 10.90
CA GLU B 157 -1.68 -11.78 11.11
C GLU B 157 -1.04 -11.26 9.82
N PRO B 158 0.02 -10.42 9.93
CA PRO B 158 0.52 -9.74 8.73
C PRO B 158 1.12 -10.63 7.64
N LYS B 159 1.69 -11.77 8.02
CA LYS B 159 2.21 -12.72 7.02
C LYS B 159 1.07 -13.37 6.25
N VAL B 160 -0.08 -13.55 6.90
CA VAL B 160 -1.27 -14.12 6.26
C VAL B 160 -1.83 -13.09 5.28
N LYS B 161 -2.00 -11.87 5.77
CA LYS B 161 -2.48 -10.78 4.94
C LYS B 161 -1.60 -10.61 3.68
N LYS B 162 -0.28 -10.66 3.86
CA LYS B 162 0.66 -10.49 2.73
C LYS B 162 0.49 -11.54 1.61
N GLN B 163 0.07 -12.75 2.00
CA GLN B 163 -0.22 -13.82 1.05
C GLN B 163 -1.52 -13.55 0.29
N LEU B 164 -2.53 -13.05 1.00
CA LEU B 164 -3.79 -12.63 0.39
C LEU B 164 -3.59 -11.52 -0.63
N VAL B 165 -2.68 -10.59 -0.34
CA VAL B 165 -2.29 -9.54 -1.31
C VAL B 165 -1.81 -10.11 -2.65
N LYS B 166 -0.96 -11.13 -2.58
CA LYS B 166 -0.47 -11.82 -3.78
C LYS B 166 -1.63 -12.45 -4.53
N GLN B 167 -2.42 -13.22 -3.79
CA GLN B 167 -3.55 -13.98 -4.30
C GLN B 167 -4.63 -13.13 -4.97
N PHE B 168 -4.84 -11.90 -4.48
CA PHE B 168 -5.85 -11.03 -5.05
C PHE B 168 -5.31 -9.89 -5.91
N THR B 169 -4.02 -9.92 -6.22
CA THR B 169 -3.44 -8.98 -7.18
C THR B 169 -4.21 -9.10 -8.49
N ASN B 170 -4.65 -7.94 -9.02
CA ASN B 170 -5.63 -7.88 -10.11
C ASN B 170 -5.25 -6.81 -11.11
N PRO B 171 -4.13 -7.01 -11.84
CA PRO B 171 -3.55 -5.92 -12.61
C PRO B 171 -4.44 -5.32 -13.71
N GLU B 172 -5.21 -6.18 -14.39
CA GLU B 172 -5.97 -5.76 -15.57
C GLU B 172 -7.25 -5.05 -15.17
N LEU B 173 -7.90 -5.50 -14.10
CA LEU B 173 -9.11 -4.83 -13.64
C LEU B 173 -8.78 -3.52 -12.94
N CYS B 174 -7.70 -3.52 -12.15
CA CYS B 174 -7.17 -2.30 -11.54
C CYS B 174 -6.79 -1.26 -12.57
N ASP B 175 -6.25 -1.73 -13.69
CA ASP B 175 -5.92 -0.86 -14.83
C ASP B 175 -7.15 -0.12 -15.36
N ILE B 176 -8.28 -0.82 -15.46
CA ILE B 176 -9.50 -0.16 -15.87
C ILE B 176 -9.85 0.95 -14.88
N THR B 177 -9.80 0.66 -13.58
CA THR B 177 -10.17 1.67 -12.62
C THR B 177 -9.19 2.85 -12.59
N GLU B 178 -7.90 2.55 -12.59
CA GLU B 178 -6.84 3.56 -12.58
C GLU B 178 -7.01 4.57 -13.72
N ARG B 179 -7.38 4.06 -14.89
CA ARG B 179 -7.66 4.90 -16.05
C ARG B 179 -9.00 5.60 -15.97
N LEU B 180 -10.07 4.83 -15.77
CA LEU B 180 -11.44 5.38 -15.86
C LEU B 180 -11.87 6.27 -14.68
N VAL B 181 -11.57 5.83 -13.47
CA VAL B 181 -12.01 6.55 -12.28
C VAL B 181 -11.05 7.70 -11.96
N PHE B 182 -9.74 7.48 -12.15
CA PHE B 182 -8.71 8.37 -11.60
C PHE B 182 -7.94 9.25 -12.57
N THR B 183 -8.05 8.98 -13.88
CA THR B 183 -7.19 9.67 -14.84
C THR B 183 -7.94 10.33 -15.99
N ASP B 184 -8.66 9.52 -16.76
CA ASP B 184 -9.18 9.97 -18.05
C ASP B 184 -10.15 11.16 -17.98
N PRO B 185 -11.12 11.13 -17.04
CA PRO B 185 -12.05 12.25 -16.92
C PRO B 185 -11.41 13.61 -16.65
N PHE B 186 -10.20 13.62 -16.13
CA PHE B 186 -9.51 14.86 -15.72
C PHE B 186 -8.66 15.49 -16.81
N PHE B 187 -8.63 14.86 -17.98
CA PHE B 187 -7.81 15.33 -19.10
C PHE B 187 -8.66 15.19 -20.36
N ASP B 188 -8.24 15.84 -21.44
CA ASP B 188 -8.87 15.60 -22.74
C ASP B 188 -8.43 14.26 -23.33
N HIS B 189 -8.89 13.15 -22.71
CA HIS B 189 -8.58 11.81 -23.21
C HIS B 189 -9.68 11.18 -24.07
N ASP B 190 -9.28 10.23 -24.92
CA ASP B 190 -10.16 9.67 -25.94
C ASP B 190 -11.33 8.88 -25.36
N THR B 191 -11.17 8.33 -24.17
CA THR B 191 -12.21 7.48 -23.61
C THR B 191 -13.43 8.26 -23.11
N ASN B 192 -13.25 9.55 -22.86
CA ASN B 192 -14.30 10.39 -22.29
C ASN B 192 -15.51 10.42 -23.20
N ASP B 193 -16.68 10.71 -22.63
CA ASP B 193 -17.90 10.71 -23.42
C ASP B 193 -18.89 11.64 -22.76
N PHE B 194 -19.03 12.83 -23.30
CA PHE B 194 -19.92 13.83 -22.71
C PHE B 194 -20.58 14.69 -23.77
N GLU B 195 -21.77 15.18 -23.48
CA GLU B 195 -22.47 16.09 -24.39
C GLU B 195 -21.68 17.38 -24.61
N GLU B 196 -21.78 17.93 -25.81
CA GLU B 196 -21.02 19.14 -26.14
C GLU B 196 -21.48 20.34 -25.28
N GLU B 197 -22.71 20.28 -24.77
CA GLU B 197 -23.23 21.36 -23.91
C GLU B 197 -22.56 21.40 -22.54
N LEU B 198 -21.82 20.34 -22.20
CA LEU B 198 -21.12 20.27 -20.92
C LEU B 198 -19.69 20.78 -20.99
N ARG B 199 -19.16 20.91 -22.22
CA ARG B 199 -17.77 21.30 -22.45
C ARG B 199 -17.25 22.49 -21.64
N PRO B 200 -18.04 23.57 -21.49
CA PRO B 200 -17.50 24.69 -20.71
C PRO B 200 -17.12 24.27 -19.29
N PHE B 201 -17.95 23.40 -18.70
CA PHE B 201 -17.76 22.95 -17.32
C PHE B 201 -16.70 21.87 -17.23
N VAL B 202 -16.62 21.07 -18.30
CA VAL B 202 -15.63 20.00 -18.40
C VAL B 202 -14.25 20.62 -18.50
N GLU B 203 -14.08 21.59 -19.40
CA GLU B 203 -12.82 22.30 -19.56
C GLU B 203 -12.44 23.06 -18.29
N LYS B 204 -13.44 23.47 -17.52
CA LYS B 204 -13.16 24.11 -16.22
C LYS B 204 -12.42 23.16 -15.30
N LEU B 205 -12.88 21.91 -15.28
CA LEU B 205 -12.24 20.85 -14.47
C LEU B 205 -10.83 20.58 -14.97
N TRP B 206 -10.67 20.42 -16.28
CA TRP B 206 -9.37 20.15 -16.87
C TRP B 206 -8.31 21.19 -16.51
N ASN B 207 -8.72 22.46 -16.40
CA ASN B 207 -7.82 23.56 -16.09
C ASN B 207 -7.57 23.79 -14.59
N ASN B 208 -8.30 23.06 -13.76
CA ASN B 208 -8.19 23.15 -12.31
C ASN B 208 -7.01 22.34 -11.80
N ASP B 209 -5.86 23.00 -11.70
CA ASP B 209 -4.63 22.36 -11.19
C ASP B 209 -4.79 21.74 -9.81
N SER B 210 -5.43 22.46 -8.89
CA SER B 210 -5.45 22.02 -7.50
C SER B 210 -6.35 20.82 -7.25
N VAL B 211 -7.47 20.73 -7.96
CA VAL B 211 -8.33 19.53 -7.87
C VAL B 211 -7.62 18.34 -8.52
N LYS B 212 -6.87 18.59 -9.59
CA LYS B 212 -6.16 17.53 -10.30
C LYS B 212 -4.99 16.95 -9.50
N ILE B 213 -4.27 17.81 -8.77
CA ILE B 213 -3.25 17.36 -7.81
C ILE B 213 -3.89 16.46 -6.78
N GLU B 214 -5.13 16.77 -6.39
CA GLU B 214 -5.84 15.98 -5.39
C GLU B 214 -6.30 14.63 -5.96
N ALA B 215 -6.80 14.66 -7.18
CA ALA B 215 -7.18 13.44 -7.89
C ALA B 215 -5.95 12.55 -8.07
N ALA B 216 -4.80 13.17 -8.30
CA ALA B 216 -3.52 12.45 -8.41
C ALA B 216 -3.17 11.70 -7.12
N LYS B 217 -3.42 12.33 -5.97
CA LYS B 217 -3.09 11.76 -4.65
C LYS B 217 -4.00 10.60 -4.31
N LEU B 218 -5.27 10.76 -4.66
CA LEU B 218 -6.29 9.73 -4.52
C LEU B 218 -5.96 8.53 -5.39
N LYS B 219 -5.47 8.81 -6.60
CA LYS B 219 -5.01 7.74 -7.50
C LYS B 219 -3.81 7.02 -6.89
N LYS B 220 -2.81 7.79 -6.47
CA LYS B 220 -1.65 7.26 -5.74
C LYS B 220 -2.06 6.32 -4.60
N SER B 221 -3.07 6.71 -3.83
CA SER B 221 -3.60 5.83 -2.80
C SER B 221 -4.20 4.56 -3.40
N PHE B 222 -4.93 4.71 -4.51
CA PHE B 222 -5.47 3.51 -5.18
C PHE B 222 -4.35 2.55 -5.62
N LEU B 223 -3.28 3.11 -6.20
CA LEU B 223 -2.12 2.36 -6.65
C LEU B 223 -1.32 1.65 -5.57
N THR B 224 -1.28 2.20 -4.35
CA THR B 224 -0.22 1.86 -3.40
C THR B 224 -0.75 1.39 -2.05
N SER B 225 -1.96 1.80 -1.68
CA SER B 225 -2.45 1.52 -0.31
C SER B 225 -3.13 0.17 -0.17
N ALA B 226 -2.38 -0.88 0.21
CA ALA B 226 -2.93 -2.24 0.32
C ALA B 226 -3.43 -2.50 1.72
N GLU B 227 -4.61 -1.98 2.02
CA GLU B 227 -5.15 -1.95 3.37
C GLU B 227 -6.04 -3.16 3.61
N THR B 228 -6.93 -3.45 2.66
CA THR B 228 -7.79 -4.65 2.72
C THR B 228 -8.14 -5.15 1.37
N LEU B 229 -8.89 -6.24 1.40
CA LEU B 229 -9.51 -6.78 0.22
C LEU B 229 -10.81 -6.03 0.03
N ILE B 230 -10.85 -5.26 -1.06
CA ILE B 230 -12.01 -4.46 -1.42
C ILE B 230 -12.79 -5.16 -2.54
N HIS B 231 -13.99 -4.65 -2.80
CA HIS B 231 -14.88 -5.15 -3.83
C HIS B 231 -14.44 -4.60 -5.16
N GLY B 232 -14.09 -3.31 -5.19
CA GLY B 232 -13.48 -2.65 -6.35
C GLY B 232 -14.44 -2.06 -7.36
N ASP B 233 -15.73 -2.40 -7.22
CA ASP B 233 -16.71 -1.87 -8.17
C ASP B 233 -18.10 -1.84 -7.52
N LEU B 234 -18.16 -1.35 -6.28
CA LEU B 234 -19.40 -1.44 -5.52
C LEU B 234 -20.34 -0.27 -5.82
N HIS B 235 -20.97 -0.30 -6.99
CA HIS B 235 -22.02 0.64 -7.30
C HIS B 235 -23.40 -0.05 -7.16
N THR B 236 -24.44 0.73 -7.40
CA THR B 236 -25.83 0.26 -7.35
C THR B 236 -26.21 -0.75 -8.45
N GLY B 237 -25.42 -0.84 -9.51
CA GLY B 237 -25.64 -1.86 -10.52
C GLY B 237 -24.98 -3.19 -10.18
N SER B 238 -24.30 -3.22 -9.03
CA SER B 238 -23.59 -4.40 -8.58
C SER B 238 -24.22 -4.97 -7.31
N ILE B 239 -25.48 -4.60 -7.08
CA ILE B 239 -26.22 -4.96 -5.86
C ILE B 239 -27.64 -5.38 -6.24
N PHE B 240 -28.10 -6.49 -5.64
CA PHE B 240 -29.47 -6.97 -5.76
C PHE B 240 -30.23 -6.50 -4.53
N ALA B 241 -31.47 -6.07 -4.71
CA ALA B 241 -32.28 -5.56 -3.61
C ALA B 241 -33.77 -5.86 -3.76
N SER B 242 -34.43 -6.02 -2.61
CA SER B 242 -35.87 -5.91 -2.49
C SER B 242 -36.14 -5.21 -1.16
N GLU B 243 -37.42 -5.13 -0.80
CA GLU B 243 -37.85 -4.52 0.45
C GLU B 243 -36.99 -4.98 1.66
N HIS B 244 -36.71 -6.27 1.74
CA HIS B 244 -36.14 -6.87 2.95
C HIS B 244 -34.73 -7.45 2.80
N GLU B 245 -34.27 -7.54 1.57
CA GLU B 245 -33.04 -8.29 1.26
C GLU B 245 -32.09 -7.45 0.45
N THR B 246 -30.80 -7.66 0.66
CA THR B 246 -29.74 -7.02 -0.11
C THR B 246 -28.62 -8.05 -0.33
N LYS B 247 -28.10 -8.13 -1.56
CA LYS B 247 -26.98 -9.01 -1.87
C LYS B 247 -26.00 -8.29 -2.79
N VAL B 248 -24.71 -8.31 -2.44
CA VAL B 248 -23.68 -7.70 -3.28
C VAL B 248 -23.12 -8.77 -4.20
N ILE B 249 -22.90 -8.41 -5.48
CA ILE B 249 -22.46 -9.37 -6.48
C ILE B 249 -21.31 -8.81 -7.30
N ASP B 250 -20.73 -9.67 -8.15
CA ASP B 250 -19.82 -9.22 -9.19
C ASP B 250 -18.55 -8.52 -8.65
N PRO B 251 -17.86 -9.14 -7.68
CA PRO B 251 -16.62 -8.58 -7.15
C PRO B 251 -15.39 -8.92 -8.00
N GLU B 252 -15.48 -8.69 -9.31
CA GLU B 252 -14.40 -9.03 -10.22
C GLU B 252 -13.21 -8.08 -10.12
N PHE B 253 -13.45 -6.87 -9.62
CA PHE B 253 -12.39 -5.86 -9.48
C PHE B 253 -11.67 -5.98 -8.12
N ALA B 254 -12.00 -7.01 -7.34
CA ALA B 254 -11.43 -7.18 -6.02
C ALA B 254 -9.91 -7.21 -6.05
N PHE B 255 -9.31 -6.44 -5.14
CA PHE B 255 -7.86 -6.50 -4.87
C PHE B 255 -7.59 -5.87 -3.51
N TYR B 256 -6.34 -5.88 -3.07
CA TYR B 256 -5.97 -5.18 -1.81
C TYR B 256 -5.75 -3.71 -2.08
N GLY B 257 -6.69 -2.89 -1.62
CA GLY B 257 -6.67 -1.44 -1.90
C GLY B 257 -7.16 -0.66 -0.69
N PRO B 258 -7.39 0.66 -0.86
CA PRO B 258 -7.83 1.51 0.26
C PRO B 258 -9.21 1.21 0.83
N ILE B 259 -9.29 1.18 2.16
CA ILE B 259 -10.56 0.93 2.83
C ILE B 259 -11.68 1.88 2.37
N GLY B 260 -11.34 3.14 2.09
CA GLY B 260 -12.36 4.13 1.76
C GLY B 260 -12.98 4.00 0.39
N PHE B 261 -12.41 3.14 -0.44
CA PHE B 261 -12.80 3.13 -1.86
C PHE B 261 -14.20 2.58 -2.12
N ASP B 262 -14.51 1.42 -1.55
CA ASP B 262 -15.85 0.81 -1.68
C ASP B 262 -16.90 1.70 -1.04
N VAL B 263 -16.56 2.31 0.10
CA VAL B 263 -17.48 3.19 0.81
C VAL B 263 -17.82 4.40 -0.06
N GLY B 264 -16.80 4.96 -0.70
CA GLY B 264 -16.94 6.16 -1.53
C GLY B 264 -17.67 5.95 -2.84
N GLN B 265 -17.36 4.87 -3.54
CA GLN B 265 -18.07 4.53 -4.77
C GLN B 265 -19.53 4.25 -4.50
N PHE B 266 -19.84 3.57 -3.40
CA PHE B 266 -21.24 3.36 -3.07
C PHE B 266 -21.93 4.69 -2.79
N ILE B 267 -21.28 5.54 -2.00
CA ILE B 267 -21.91 6.80 -1.61
C ILE B 267 -22.20 7.67 -2.82
N ALA B 268 -21.23 7.76 -3.73
CA ALA B 268 -21.38 8.57 -4.95
C ALA B 268 -22.59 8.10 -5.75
N ASN B 269 -22.78 6.79 -5.85
CA ASN B 269 -23.92 6.24 -6.62
C ASN B 269 -25.28 6.48 -5.99
N LEU B 270 -25.30 6.74 -4.68
CA LEU B 270 -26.53 7.21 -4.02
C LEU B 270 -26.79 8.67 -4.35
N PHE B 271 -25.71 9.45 -4.41
CA PHE B 271 -25.80 10.85 -4.80
C PHE B 271 -26.18 10.99 -6.27
N LEU B 272 -25.71 10.05 -7.08
CA LEU B 272 -26.06 10.03 -8.51
C LEU B 272 -27.55 9.80 -8.70
N ASN B 273 -28.13 8.92 -7.89
CA ASN B 273 -29.57 8.71 -7.94
C ASN B 273 -30.37 9.89 -7.38
N ALA B 274 -29.88 10.54 -6.33
CA ALA B 274 -30.52 11.75 -5.83
C ALA B 274 -30.63 12.81 -6.94
N LEU B 275 -29.54 12.98 -7.68
CA LEU B 275 -29.46 13.95 -8.77
C LEU B 275 -30.40 13.64 -9.92
N SER B 276 -30.75 12.37 -10.10
CA SER B 276 -31.77 11.95 -11.09
C SER B 276 -33.21 12.21 -10.61
N ARG B 277 -33.37 12.46 -9.32
CA ARG B 277 -34.67 12.73 -8.74
C ARG B 277 -34.87 14.24 -8.51
N ASP B 278 -36.09 14.60 -8.07
CA ASP B 278 -36.44 16.00 -7.79
C ASP B 278 -37.01 16.14 -6.40
N GLY B 279 -36.71 17.27 -5.76
CA GLY B 279 -37.39 17.70 -4.55
C GLY B 279 -37.35 16.69 -3.41
N ALA B 280 -38.51 16.41 -2.84
CA ALA B 280 -38.62 15.55 -1.67
C ALA B 280 -38.40 14.06 -1.97
N ASP B 281 -38.36 13.71 -3.25
CA ASP B 281 -38.10 12.34 -3.67
C ASP B 281 -36.62 11.99 -3.45
N ARG B 282 -35.79 13.01 -3.22
CA ARG B 282 -34.34 12.84 -2.95
C ARG B 282 -34.02 12.38 -1.52
N GLU B 283 -34.95 12.63 -0.60
CA GLU B 283 -34.68 12.42 0.83
C GLU B 283 -34.32 10.98 1.24
N PRO B 284 -34.99 9.96 0.67
CA PRO B 284 -34.61 8.56 0.94
C PRO B 284 -33.15 8.25 0.65
N LEU B 285 -32.60 8.90 -0.37
CA LEU B 285 -31.22 8.70 -0.78
C LEU B 285 -30.23 9.41 0.14
N TYR B 286 -30.59 10.61 0.57
CA TYR B 286 -29.80 11.36 1.51
C TYR B 286 -29.76 10.59 2.83
N GLU B 287 -30.89 9.99 3.16
CA GLU B 287 -30.99 9.14 4.34
C GLU B 287 -30.13 7.89 4.21
N HIS B 288 -30.00 7.39 2.97
CA HIS B 288 -29.13 6.23 2.69
C HIS B 288 -27.65 6.56 2.85
N VAL B 289 -27.26 7.75 2.42
CA VAL B 289 -25.88 8.19 2.57
C VAL B 289 -25.49 8.34 4.03
N ASN B 290 -26.38 8.91 4.84
CA ASN B 290 -26.15 9.04 6.26
C ASN B 290 -26.06 7.70 6.98
N GLN B 291 -27.04 6.84 6.72
CA GLN B 291 -27.17 5.53 7.37
C GLN B 291 -26.05 4.57 6.99
N VAL B 292 -25.56 4.66 5.76
CA VAL B 292 -24.48 3.79 5.33
C VAL B 292 -23.16 4.17 5.97
N TRP B 293 -22.86 5.47 6.08
CA TRP B 293 -21.68 5.86 6.83
C TRP B 293 -21.81 5.48 8.29
N GLU B 294 -22.97 5.79 8.88
CA GLU B 294 -23.25 5.48 10.28
C GLU B 294 -23.05 4.01 10.57
N THR B 295 -23.57 3.17 9.68
CA THR B 295 -23.55 1.73 9.88
C THR B 295 -22.16 1.18 9.61
N PHE B 296 -21.48 1.68 8.57
CA PHE B 296 -20.10 1.32 8.36
C PHE B 296 -19.25 1.60 9.61
N GLU B 297 -19.38 2.81 10.15
CA GLU B 297 -18.56 3.23 11.27
C GLU B 297 -18.85 2.38 12.52
N GLU B 298 -20.13 2.10 12.76
CA GLU B 298 -20.53 1.30 13.93
C GLU B 298 -19.99 -0.12 13.79
N THR B 299 -20.18 -0.69 12.60
CA THR B 299 -19.84 -2.07 12.28
C THR B 299 -18.34 -2.31 12.31
N PHE B 300 -17.58 -1.42 11.66
CA PHE B 300 -16.11 -1.42 11.66
C PHE B 300 -15.58 -1.31 13.08
N SER B 301 -16.26 -0.48 13.89
CA SER B 301 -15.84 -0.20 15.25
C SER B 301 -16.10 -1.38 16.19
N GLU B 302 -17.26 -2.02 16.05
CA GLU B 302 -17.54 -3.22 16.86
C GLU B 302 -16.50 -4.29 16.56
N ALA B 303 -16.30 -4.57 15.28
CA ALA B 303 -15.28 -5.52 14.82
C ALA B 303 -13.88 -5.19 15.34
N TRP B 304 -13.47 -3.93 15.21
CA TRP B 304 -12.20 -3.43 15.73
C TRP B 304 -12.01 -3.72 17.20
N GLN B 305 -13.06 -3.50 18.00
CA GLN B 305 -12.96 -3.69 19.46
C GLN B 305 -12.98 -5.16 19.86
N LYS B 306 -13.72 -5.97 19.10
CA LYS B 306 -13.86 -7.41 19.36
C LYS B 306 -12.72 -8.26 18.77
N ASP B 307 -12.22 -7.88 17.60
CA ASP B 307 -11.39 -8.79 16.82
C ASP B 307 -10.04 -8.27 16.36
N SER B 308 -9.62 -7.12 16.86
CA SER B 308 -8.33 -6.53 16.47
C SER B 308 -7.16 -7.30 17.08
N LEU B 309 -6.10 -7.53 16.29
CA LEU B 309 -4.93 -8.25 16.77
C LEU B 309 -3.84 -7.28 17.23
N ASP B 310 -3.99 -6.05 16.78
CA ASP B 310 -3.12 -4.92 17.02
C ASP B 310 -3.02 -4.54 18.50
N VAL B 311 -1.78 -4.45 19.01
CA VAL B 311 -1.53 -4.01 20.40
C VAL B 311 -1.92 -2.54 20.61
N TYR B 312 -1.88 -1.78 19.53
CA TYR B 312 -2.23 -0.36 19.49
C TYR B 312 -3.74 -0.08 19.45
N ALA B 313 -4.53 -1.13 19.21
CA ALA B 313 -5.96 -0.99 18.89
C ALA B 313 -6.76 -0.23 19.94
N ASN B 314 -6.44 -0.50 21.21
CA ASN B 314 -7.18 0.03 22.35
C ASN B 314 -6.69 1.36 22.92
N ILE B 315 -5.69 1.96 22.26
CA ILE B 315 -5.22 3.30 22.64
C ILE B 315 -6.32 4.29 22.28
N ASP B 316 -6.74 5.08 23.27
CA ASP B 316 -7.83 6.03 23.10
C ASP B 316 -7.48 7.03 22.00
N GLY B 317 -8.34 7.10 20.98
CA GLY B 317 -8.14 8.03 19.88
C GLY B 317 -7.60 7.41 18.61
N TYR B 318 -7.06 6.19 18.67
CA TYR B 318 -6.53 5.54 17.48
C TYR B 318 -7.62 5.08 16.49
N LEU B 319 -8.65 4.40 17.00
CA LEU B 319 -9.81 4.04 16.17
C LEU B 319 -10.41 5.31 15.52
N THR B 320 -10.58 6.36 16.32
CA THR B 320 -11.09 7.65 15.84
C THR B 320 -10.29 8.28 14.69
N ASP B 321 -8.96 8.34 14.84
CA ASP B 321 -8.14 8.93 13.76
C ASP B 321 -8.16 8.03 12.54
N THR B 322 -8.25 6.73 12.77
CA THR B 322 -8.29 5.74 11.67
C THR B 322 -9.57 5.97 10.84
N LEU B 323 -10.72 6.04 11.52
CA LEU B 323 -12.00 6.35 10.91
C LEU B 323 -12.00 7.70 10.19
N SER B 324 -11.36 8.70 10.79
CA SER B 324 -11.23 10.01 10.13
C SER B 324 -10.49 9.95 8.80
N HIS B 325 -9.47 9.10 8.74
CA HIS B 325 -8.70 8.92 7.49
C HIS B 325 -9.52 8.22 6.40
N ILE B 326 -10.26 7.18 6.79
CA ILE B 326 -11.12 6.44 5.89
C ILE B 326 -12.24 7.32 5.35
N PHE B 327 -12.83 8.11 6.24
CA PHE B 327 -13.91 9.06 5.90
C PHE B 327 -13.43 10.03 4.83
N GLU B 328 -12.25 10.61 5.05
CA GLU B 328 -11.67 11.58 4.10
C GLU B 328 -11.36 10.98 2.73
N GLU B 329 -10.74 9.80 2.68
CA GLU B 329 -10.51 9.18 1.38
C GLU B 329 -11.81 8.79 0.70
N ALA B 330 -12.73 8.23 1.47
CA ALA B 330 -14.09 7.90 0.99
C ALA B 330 -14.77 9.05 0.27
N ILE B 331 -14.71 10.24 0.86
CA ILE B 331 -15.30 11.43 0.24
C ILE B 331 -14.57 11.79 -1.06
N GLY B 332 -13.24 11.67 -1.05
CA GLY B 332 -12.43 11.97 -2.25
C GLY B 332 -12.74 11.00 -3.37
N PHE B 333 -12.83 9.71 -3.05
CA PHE B 333 -13.16 8.68 -4.04
C PHE B 333 -14.58 8.83 -4.56
N ALA B 334 -15.50 9.29 -3.71
CA ALA B 334 -16.86 9.61 -4.13
C ALA B 334 -16.87 10.75 -5.14
N GLY B 335 -16.04 11.75 -4.90
CA GLY B 335 -15.87 12.85 -5.83
C GLY B 335 -15.47 12.35 -7.20
N CYS B 336 -14.44 11.51 -7.26
CA CYS B 336 -13.98 10.93 -8.53
C CYS B 336 -15.07 10.10 -9.20
N GLU B 337 -15.80 9.30 -8.42
CA GLU B 337 -16.89 8.48 -8.97
C GLU B 337 -18.03 9.35 -9.53
N LEU B 338 -18.37 10.42 -8.82
CA LEU B 338 -19.36 11.36 -9.33
C LEU B 338 -18.96 11.90 -10.69
N ILE B 339 -17.71 12.37 -10.78
CA ILE B 339 -17.18 12.96 -12.00
C ILE B 339 -17.03 11.96 -13.16
N ARG B 340 -16.41 10.82 -12.84
CA ARG B 340 -16.17 9.71 -13.77
C ARG B 340 -17.45 9.20 -14.45
N ARG B 341 -18.53 9.07 -13.68
CA ARG B 341 -19.77 8.53 -14.21
C ARG B 341 -20.54 9.50 -15.09
N THR B 342 -20.11 10.77 -15.07
CA THR B 342 -20.80 11.85 -15.76
C THR B 342 -20.19 12.14 -17.14
N ILE B 343 -18.87 12.18 -17.23
CA ILE B 343 -18.21 12.52 -18.48
C ILE B 343 -17.26 11.47 -19.03
N GLY B 344 -17.08 10.37 -18.31
CA GLY B 344 -16.13 9.35 -18.77
C GLY B 344 -16.76 8.31 -19.69
N LEU B 345 -16.02 7.24 -19.93
CA LEU B 345 -16.44 6.16 -20.81
C LEU B 345 -17.72 5.49 -20.32
N ALA B 346 -17.76 5.19 -19.01
CA ALA B 346 -18.81 4.37 -18.44
C ALA B 346 -19.75 5.23 -17.59
N HIS B 347 -20.95 5.44 -18.12
CA HIS B 347 -21.94 6.33 -17.53
C HIS B 347 -22.87 5.55 -16.61
N VAL B 348 -23.80 6.25 -15.97
CA VAL B 348 -24.88 5.61 -15.19
C VAL B 348 -26.26 5.93 -15.78
N ALA B 349 -27.16 4.95 -15.71
CA ALA B 349 -28.51 5.12 -16.22
C ALA B 349 -29.28 6.25 -15.50
N ASP B 350 -28.92 6.52 -14.23
CA ASP B 350 -29.56 7.59 -13.45
C ASP B 350 -29.46 8.95 -14.13
N LEU B 351 -28.25 9.30 -14.59
CA LEU B 351 -28.04 10.57 -15.25
C LEU B 351 -28.47 10.53 -16.71
N ASP B 352 -28.07 9.48 -17.43
CA ASP B 352 -28.33 9.39 -18.88
C ASP B 352 -29.81 9.30 -19.27
N THR B 353 -30.67 8.96 -18.33
CA THR B 353 -32.11 8.86 -18.63
C THR B 353 -32.96 10.03 -18.12
N ILE B 354 -32.34 11.02 -17.49
CA ILE B 354 -33.04 12.25 -17.07
C ILE B 354 -33.61 12.94 -18.29
N VAL B 355 -34.87 13.38 -18.19
CA VAL B 355 -35.52 14.15 -19.25
C VAL B 355 -36.17 15.40 -18.66
N PRO B 356 -36.24 16.50 -19.43
CA PRO B 356 -35.74 16.74 -20.79
C PRO B 356 -34.22 16.84 -20.88
N PHE B 357 -33.69 16.92 -22.10
CA PHE B 357 -32.25 17.04 -22.34
C PHE B 357 -31.55 18.18 -21.58
N ASP B 358 -32.18 19.36 -21.54
CA ASP B 358 -31.60 20.50 -20.82
C ASP B 358 -31.50 20.27 -19.31
N LYS B 359 -32.47 19.54 -18.78
CA LYS B 359 -32.46 19.17 -17.38
C LYS B 359 -31.34 18.17 -17.08
N ARG B 360 -31.21 17.17 -17.96
CA ARG B 360 -30.08 16.23 -17.93
C ARG B 360 -28.75 16.96 -17.89
N ILE B 361 -28.53 17.92 -18.79
CA ILE B 361 -27.27 18.67 -18.82
C ILE B 361 -27.08 19.44 -17.51
N GLY B 362 -28.16 20.03 -16.99
CA GLY B 362 -28.13 20.71 -15.69
C GLY B 362 -27.64 19.82 -14.56
N ARG B 363 -28.20 18.62 -14.49
CA ARG B 363 -27.89 17.71 -13.42
C ARG B 363 -26.51 17.10 -13.57
N LYS B 364 -26.06 16.95 -14.81
CA LYS B 364 -24.72 16.44 -15.09
C LYS B 364 -23.66 17.49 -14.72
N ARG B 365 -23.97 18.77 -14.95
CA ARG B 365 -23.15 19.88 -14.47
C ARG B 365 -23.02 19.81 -12.94
N LEU B 366 -24.12 19.52 -12.24
CA LEU B 366 -24.10 19.44 -10.79
C LEU B 366 -23.31 18.24 -10.26
N ALA B 367 -23.37 17.12 -10.96
CA ALA B 367 -22.53 15.95 -10.63
C ALA B 367 -21.05 16.27 -10.73
N LEU B 368 -20.67 17.06 -11.74
CA LEU B 368 -19.30 17.52 -11.91
C LEU B 368 -18.82 18.45 -10.80
N GLU B 369 -19.69 19.39 -10.42
CA GLU B 369 -19.37 20.43 -9.44
C GLU B 369 -19.33 19.87 -8.04
N THR B 370 -20.26 19.00 -7.68
CA THR B 370 -20.28 18.35 -6.38
C THR B 370 -19.12 17.36 -6.21
N GLY B 371 -18.78 16.63 -7.27
CA GLY B 371 -17.64 15.72 -7.25
C GLY B 371 -16.35 16.47 -7.00
N THR B 372 -16.19 17.60 -7.72
CA THR B 372 -15.06 18.52 -7.55
C THR B 372 -14.96 19.03 -6.12
N ALA B 373 -16.10 19.48 -5.57
CA ALA B 373 -16.14 19.93 -4.18
C ALA B 373 -15.72 18.82 -3.21
N PHE B 374 -16.21 17.61 -3.46
CA PHE B 374 -15.90 16.45 -2.62
C PHE B 374 -14.40 16.19 -2.63
N ILE B 375 -13.80 16.16 -3.81
CA ILE B 375 -12.35 15.97 -3.91
C ILE B 375 -11.58 17.06 -3.14
N GLU B 376 -11.91 18.32 -3.43
CA GLU B 376 -11.18 19.49 -2.93
C GLU B 376 -11.34 19.69 -1.42
N LYS B 377 -12.53 19.39 -0.92
CA LYS B 377 -12.90 19.72 0.45
C LYS B 377 -12.93 18.53 1.40
N ARG B 378 -12.48 17.36 0.94
CA ARG B 378 -12.68 16.09 1.70
C ARG B 378 -12.17 16.05 3.14
N SER B 379 -11.12 16.83 3.40
CA SER B 379 -10.48 16.86 4.71
C SER B 379 -11.12 17.90 5.62
N GLU B 380 -12.03 18.70 5.08
CA GLU B 380 -12.69 19.75 5.86
C GLU B 380 -13.96 19.24 6.51
N PHE B 381 -14.55 18.18 5.97
CA PHE B 381 -15.81 17.63 6.48
C PHE B 381 -15.53 16.90 7.77
N LYS B 382 -16.43 17.06 8.74
CA LYS B 382 -16.23 16.47 10.04
C LYS B 382 -17.16 15.27 10.24
N THR B 383 -18.36 15.35 9.66
CA THR B 383 -19.35 14.28 9.74
C THR B 383 -19.95 14.05 8.35
N ILE B 384 -20.60 12.92 8.16
CA ILE B 384 -21.37 12.68 6.93
C ILE B 384 -22.46 13.75 6.69
N THR B 385 -23.04 14.27 7.76
CA THR B 385 -24.03 15.36 7.70
C THR B 385 -23.46 16.57 6.94
N ASP B 386 -22.21 16.92 7.22
CA ASP B 386 -21.53 18.02 6.53
C ASP B 386 -21.49 17.75 5.03
N VAL B 387 -21.26 16.48 4.68
CA VAL B 387 -21.17 16.06 3.28
C VAL B 387 -22.53 16.19 2.59
N ILE B 388 -23.56 15.64 3.24
CA ILE B 388 -24.95 15.74 2.77
C ILE B 388 -25.41 17.21 2.66
N GLU B 389 -25.09 18.03 3.68
CA GLU B 389 -25.58 19.41 3.71
C GLU B 389 -24.92 20.25 2.63
N LEU B 390 -23.63 20.01 2.38
CA LEU B 390 -22.94 20.72 1.32
C LEU B 390 -23.47 20.32 -0.06
N PHE B 391 -23.75 19.04 -0.24
CA PHE B 391 -24.31 18.56 -1.50
C PHE B 391 -25.69 19.19 -1.76
N LYS B 392 -26.56 19.16 -0.76
CA LYS B 392 -27.88 19.79 -0.87
C LYS B 392 -27.81 21.28 -1.24
N LEU B 393 -26.85 21.99 -0.66
CA LEU B 393 -26.69 23.42 -0.96
C LEU B 393 -26.36 23.61 -2.43
N LEU B 394 -25.39 22.86 -2.90
CA LEU B 394 -24.94 22.98 -4.29
C LEU B 394 -26.01 22.64 -5.31
N VAL B 395 -26.86 21.67 -4.98
CA VAL B 395 -27.83 21.14 -5.95
C VAL B 395 -29.23 21.74 -5.81
N LYS B 396 -29.36 22.72 -4.91
CA LYS B 396 -30.57 23.55 -4.83
C LYS B 396 -30.91 24.17 -6.18
HO HO C . 24.68 -6.74 7.74
HO HO D . 21.50 -8.97 6.55
C1 CPS E . 7.84 24.25 17.57
C2 CPS E . 8.73 23.67 16.47
C3 CPS E . 10.63 25.23 17.33
C4 CPS E . 11.74 26.20 16.93
C5 CPS E . 12.73 25.55 15.92
C6 CPS E . 11.88 25.20 14.69
C7 CPS E . 12.84 25.03 13.51
C8 CPS E . 13.91 26.11 13.77
C9 CPS E . 13.87 26.33 15.27
C10 CPS E . 13.38 24.31 16.55
C11 CPS E . 9.30 22.35 17.04
C12 CPS E . 6.82 25.32 17.14
C13 CPS E . 6.07 25.01 15.84
C14 CPS E . 7.05 24.57 14.74
C15 CPS E . 7.91 23.38 15.19
C16 CPS E . 8.76 22.92 13.99
C17 CPS E . 9.99 23.78 13.71
C18 CPS E . 10.80 24.14 14.96
C19 CPS E . 9.88 24.64 16.11
C20 CPS E . 14.96 27.16 15.99
C21 CPS E . 14.49 27.82 17.28
C22 CPS E . 15.64 28.24 15.12
C23 CPS E . 17.10 27.97 14.78
C24 CPS E . 17.95 28.93 14.35
N1 CPS E . 19.20 28.56 14.06
O1 CPS E . 17.60 30.09 14.23
O2 CPS E . 5.41 26.21 15.40
O3 CPS E . 9.56 24.97 13.04
O4 CPS E . 11.07 27.36 16.43
PB ADP F . 24.82 -10.12 7.20
O1B ADP F . 25.08 -11.49 7.80
O2B ADP F . 23.54 -10.13 6.46
O3B ADP F . 25.10 -9.01 8.17
PA ADP F . 26.43 -8.64 5.34
O1A ADP F . 26.07 -8.63 3.86
O2A ADP F . 26.14 -7.42 6.16
O3A ADP F . 25.89 -9.98 6.02
O5' ADP F . 28.03 -8.84 5.38
C5' ADP F . 28.72 -9.24 6.56
C4' ADP F . 30.12 -8.62 6.60
O4' ADP F . 30.92 -9.23 5.59
C3' ADP F . 30.16 -7.13 6.29
O3' ADP F . 30.00 -6.32 7.45
C2' ADP F . 31.51 -6.96 5.62
O2' ADP F . 32.55 -6.80 6.59
C1' ADP F . 31.71 -8.27 4.87
N9 ADP F . 31.22 -8.16 3.46
C8 ADP F . 29.96 -8.38 3.00
N7 ADP F . 29.92 -8.15 1.66
C5 ADP F . 31.16 -7.80 1.26
C6 ADP F . 31.72 -7.47 0.04
N6 ADP F . 31.02 -7.43 -1.11
N1 ADP F . 33.04 -7.16 0.01
C2 ADP F . 33.80 -7.18 1.13
N3 ADP F . 33.29 -7.51 2.32
C4 ADP F . 31.97 -7.81 2.40
HO HO G . -22.04 -6.22 -13.49
HO HO H . -18.36 -7.56 -13.74
PB ADP I . -21.06 -8.87 -15.48
O1B ADP I . -20.79 -9.34 -16.90
O2B ADP I . -19.88 -9.01 -14.60
O3B ADP I . -21.69 -7.53 -15.45
PA ADP I . -22.84 -9.71 -13.46
O1A ADP I . -22.38 -10.61 -12.35
O2A ADP I . -22.93 -8.24 -13.21
O3A ADP I . -22.05 -9.96 -14.83
O5' ADP I . -24.29 -10.25 -13.90
C5' ADP I . -24.95 -9.66 -15.02
C4' ADP I . -26.45 -9.82 -14.82
O4' ADP I . -26.77 -11.21 -14.71
C3' ADP I . -26.94 -9.17 -13.54
O3' ADP I . -27.41 -7.83 -13.74
C2' ADP I . -28.09 -10.05 -13.14
O2' ADP I . -29.27 -9.59 -13.78
C1' ADP I . -27.73 -11.43 -13.68
N9 ADP I . -27.15 -12.21 -12.53
C8 ADP I . -25.86 -12.25 -12.14
N7 ADP I . -25.75 -13.02 -11.05
C5 ADP I . -26.98 -13.46 -10.74
C6 ADP I . -27.50 -14.28 -9.76
N6 ADP I . -26.68 -14.83 -8.82
N1 ADP I . -28.83 -14.52 -9.73
C2 ADP I . -29.67 -14.01 -10.64
N3 ADP I . -29.21 -13.21 -11.62
C4 ADP I . -27.87 -12.94 -11.68
#